data_4DB8
#
_entry.id   4DB8
#
_cell.length_a   58.002
_cell.length_b   113.643
_cell.length_c   85.592
_cell.angle_alpha   90.00
_cell.angle_beta   106.83
_cell.angle_gamma   90.00
#
_symmetry.space_group_name_H-M   'P 1 21 1'
#
loop_
_entity.id
_entity.type
_entity.pdbx_description
1 polymer 'Armadillo-repeat Protein'
2 non-polymer 'MAGNESIUM ION'
3 water water
#
_entity_poly.entity_id   1
_entity_poly.type   'polypeptide(L)'
_entity_poly.pdbx_seq_one_letter_code
;MRGSHHHHHHGSELPQMTQQLNSDDMQEQLSATRKFSQILSDGNEQIQAVIDAGALPALVQLLSSPNEQILQEALWALSN
IASGGNEQIQAVIDAGALPALVQLLSSPNEQILQEALWALSNIASGGNEQIQAVIDAGALPALVQLLSSPNEQILQEALW
ALSNIASGGNEQIQAVIDAGALPALVQLLSSPNEQILQEALWALSNIASGGNEQKQAVKEAGALEKLEQLQSHENEKIQK
EAQEALEKLQSH
;
_entity_poly.pdbx_strand_id   A,B,C,D
#
loop_
_chem_comp.id
_chem_comp.type
_chem_comp.name
_chem_comp.formula
MG non-polymer 'MAGNESIUM ION' 'Mg 2'
#
# COMPACT_ATOMS: atom_id res chain seq x y z
N SER A 4 10.06 -2.75 -3.58
CA SER A 4 9.59 -3.09 -4.96
C SER A 4 8.08 -2.89 -5.10
N HIS A 5 7.68 -2.03 -6.03
CA HIS A 5 6.27 -1.73 -6.27
C HIS A 5 5.65 -2.65 -7.34
N HIS A 6 4.35 -2.91 -7.21
CA HIS A 6 3.61 -3.75 -8.16
C HIS A 6 2.27 -3.16 -8.59
N HIS A 7 1.79 -3.61 -9.73
CA HIS A 7 0.43 -3.35 -10.17
C HIS A 7 -0.44 -4.57 -9.90
N HIS A 8 -1.64 -4.33 -9.39
CA HIS A 8 -2.65 -5.39 -9.28
C HIS A 8 -3.06 -5.80 -10.69
N HIS A 9 -3.45 -7.06 -10.87
CA HIS A 9 -3.82 -7.55 -12.20
C HIS A 9 -5.11 -6.88 -12.68
N HIS A 10 -5.28 -6.80 -14.01
CA HIS A 10 -6.39 -6.08 -14.62
C HIS A 10 -7.76 -6.67 -14.32
N GLY A 11 -7.81 -7.98 -14.07
CA GLY A 11 -9.08 -8.65 -13.82
C GLY A 11 -9.54 -8.62 -12.38
N SER A 12 -8.87 -7.78 -11.56
CA SER A 12 -9.11 -7.71 -10.13
C SER A 12 -10.56 -7.36 -9.80
N GLU A 13 -11.15 -8.10 -8.87
CA GLU A 13 -12.52 -7.81 -8.45
C GLU A 13 -12.59 -6.78 -7.33
N LEU A 14 -11.42 -6.47 -6.75
CA LEU A 14 -11.32 -5.62 -5.56
C LEU A 14 -11.93 -4.22 -5.69
N PRO A 15 -11.65 -3.50 -6.81
CA PRO A 15 -12.24 -2.17 -7.02
C PRO A 15 -13.77 -2.14 -6.92
N GLN A 16 -14.48 -2.97 -7.70
CA GLN A 16 -15.94 -3.03 -7.64
C GLN A 16 -16.44 -3.47 -6.26
N MET A 17 -15.71 -4.39 -5.62
CA MET A 17 -15.98 -4.80 -4.25
C MET A 17 -15.88 -3.64 -3.25
N THR A 18 -14.90 -2.76 -3.45
CA THR A 18 -14.76 -1.58 -2.61
C THR A 18 -15.90 -0.57 -2.85
N GLN A 19 -16.42 -0.51 -4.08
CA GLN A 19 -17.57 0.33 -4.42
C GLN A 19 -18.85 -0.11 -3.73
N GLN A 20 -19.02 -1.43 -3.61
CA GLN A 20 -20.17 -2.03 -2.93
C GLN A 20 -20.21 -1.67 -1.43
N LEU A 21 -19.03 -1.64 -0.80
CA LEU A 21 -18.91 -1.22 0.59
C LEU A 21 -19.39 0.21 0.80
N ASN A 22 -19.06 1.08 -0.15
CA ASN A 22 -19.41 2.50 -0.08
C ASN A 22 -20.83 2.79 -0.57
N SER A 23 -21.48 1.80 -1.17
CA SER A 23 -22.83 1.97 -1.73
C SER A 23 -23.92 2.04 -0.65
N ASP A 24 -25.15 2.27 -1.06
CA ASP A 24 -26.29 2.40 -0.14
C ASP A 24 -27.16 1.14 -0.06
N ASP A 25 -26.87 0.15 -0.90
CA ASP A 25 -27.79 -0.96 -1.12
C ASP A 25 -27.98 -1.88 0.09
N MET A 26 -26.87 -2.28 0.73
CA MET A 26 -26.90 -3.15 1.91
C MET A 26 -27.14 -4.64 1.61
N GLN A 27 -27.23 -4.99 0.33
CA GLN A 27 -27.18 -6.41 -0.07
C GLN A 27 -25.78 -6.43 -0.70
N GLU A 28 -25.48 -5.39 -1.47
CA GLU A 28 -24.15 -5.14 -2.03
C GLU A 28 -23.10 -4.96 -0.94
N GLN A 29 -23.49 -4.30 0.16
CA GLN A 29 -22.59 -4.11 1.31
C GLN A 29 -22.22 -5.43 1.94
N LEU A 30 -23.25 -6.25 2.18
CA LEU A 30 -23.08 -7.54 2.83
C LEU A 30 -22.27 -8.52 1.97
N SER A 31 -22.54 -8.50 0.66
CA SER A 31 -21.83 -9.38 -0.27
C SER A 31 -20.34 -9.08 -0.30
N ALA A 32 -20.00 -7.78 -0.33
CA ALA A 32 -18.61 -7.35 -0.44
C ALA A 32 -17.79 -7.61 0.83
N THR A 33 -18.39 -7.42 2.00
CA THR A 33 -17.69 -7.69 3.26
C THR A 33 -17.41 -9.19 3.41
N ARG A 34 -18.34 -10.02 2.92
CA ARG A 34 -18.19 -11.47 2.93
C ARG A 34 -17.07 -11.93 2.00
N LYS A 35 -16.93 -11.26 0.86
CA LYS A 35 -15.88 -11.61 -0.10
C LYS A 35 -14.50 -11.20 0.42
N PHE A 36 -14.44 -10.02 1.07
CA PHE A 36 -13.20 -9.51 1.66
C PHE A 36 -12.77 -10.37 2.84
N SER A 37 -13.75 -10.81 3.64
CA SER A 37 -13.48 -11.68 4.77
C SER A 37 -12.90 -13.01 4.31
N GLN A 38 -13.40 -13.48 3.17
CA GLN A 38 -12.93 -14.71 2.54
C GLN A 38 -11.49 -14.55 2.04
N ILE A 39 -11.24 -13.49 1.28
CA ILE A 39 -9.89 -13.18 0.80
C ILE A 39 -8.88 -13.11 1.96
N LEU A 40 -9.23 -12.41 3.03
CA LEU A 40 -8.36 -12.29 4.21
C LEU A 40 -8.21 -13.62 4.95
N SER A 41 -9.29 -14.38 5.06
CA SER A 41 -9.22 -15.69 5.70
C SER A 41 -8.34 -16.67 4.91
N ASP A 42 -8.52 -16.71 3.59
CA ASP A 42 -7.70 -17.51 2.69
C ASP A 42 -6.22 -17.16 2.82
N GLY A 43 -5.90 -15.88 2.83
CA GLY A 43 -4.53 -15.39 2.87
C GLY A 43 -3.79 -15.78 4.16
N ASN A 44 -4.46 -15.59 5.28
CA ASN A 44 -3.92 -16.00 6.58
C ASN A 44 -3.75 -17.51 6.70
N GLU A 45 -4.71 -18.26 6.16
CA GLU A 45 -4.73 -19.71 6.27
C GLU A 45 -3.61 -20.36 5.44
N GLN A 46 -3.25 -19.73 4.33
CA GLN A 46 -2.13 -20.20 3.50
C GLN A 46 -0.82 -20.02 4.23
N ILE A 47 -0.70 -18.90 4.94
CA ILE A 47 0.43 -18.61 5.79
C ILE A 47 0.49 -19.58 6.97
N GLN A 48 -0.66 -19.83 7.60
CA GLN A 48 -0.74 -20.76 8.74
C GLN A 48 -0.45 -22.21 8.37
N ALA A 49 -0.87 -22.62 7.18
CA ALA A 49 -0.65 -23.98 6.69
C ALA A 49 0.85 -24.32 6.59
N VAL A 50 1.66 -23.33 6.24
CA VAL A 50 3.11 -23.46 6.16
C VAL A 50 3.70 -23.73 7.55
N ILE A 51 3.14 -23.05 8.56
CA ILE A 51 3.54 -23.26 9.94
C ILE A 51 3.03 -24.60 10.46
N ASP A 52 1.79 -24.94 10.11
CA ASP A 52 1.20 -26.25 10.43
C ASP A 52 1.98 -27.41 9.80
N ALA A 53 2.62 -27.15 8.66
CA ALA A 53 3.34 -28.19 7.93
C ALA A 53 4.66 -28.62 8.58
N GLY A 54 5.12 -27.84 9.56
CA GLY A 54 6.38 -28.10 10.25
C GLY A 54 7.59 -27.58 9.49
N ALA A 55 7.39 -26.50 8.73
CA ALA A 55 8.41 -25.94 7.87
C ALA A 55 9.48 -25.13 8.60
N LEU A 56 9.07 -24.40 9.63
CA LEU A 56 9.96 -23.48 10.35
C LEU A 56 11.31 -24.05 10.83
N PRO A 57 11.28 -25.19 11.55
CA PRO A 57 12.54 -25.74 12.06
C PRO A 57 13.44 -26.25 10.94
N ALA A 58 12.82 -26.71 9.85
CA ALA A 58 13.56 -27.17 8.69
C ALA A 58 14.17 -26.00 7.96
N LEU A 59 13.50 -24.85 7.98
CA LEU A 59 14.03 -23.64 7.36
C LEU A 59 15.17 -23.07 8.20
N VAL A 60 15.03 -23.16 9.53
CA VAL A 60 16.08 -22.72 10.43
C VAL A 60 17.35 -23.55 10.23
N GLN A 61 17.20 -24.86 10.08
CA GLN A 61 18.29 -25.74 9.68
C GLN A 61 19.01 -25.24 8.42
N LEU A 62 18.25 -24.86 7.40
CA LEU A 62 18.82 -24.40 6.14
C LEU A 62 19.55 -23.06 6.25
N LEU A 63 19.47 -22.40 7.40
CA LEU A 63 20.30 -21.24 7.68
C LEU A 63 21.78 -21.61 7.85
N SER A 64 22.05 -22.90 8.03
CA SER A 64 23.41 -23.43 8.18
C SER A 64 23.91 -24.03 6.85
N SER A 65 23.23 -23.71 5.76
CA SER A 65 23.57 -24.24 4.44
C SER A 65 24.84 -23.59 3.89
N PRO A 66 25.72 -24.39 3.28
CA PRO A 66 26.85 -23.80 2.58
C PRO A 66 26.39 -23.07 1.31
N ASN A 67 25.28 -23.52 0.74
CA ASN A 67 24.75 -22.91 -0.47
C ASN A 67 24.09 -21.56 -0.20
N GLU A 68 24.61 -20.53 -0.88
CA GLU A 68 24.12 -19.16 -0.73
C GLU A 68 22.66 -19.01 -1.12
N GLN A 69 22.27 -19.62 -2.23
CA GLN A 69 20.90 -19.57 -2.74
C GLN A 69 19.87 -20.07 -1.72
N ILE A 70 20.16 -21.23 -1.13
CA ILE A 70 19.27 -21.89 -0.19
C ILE A 70 19.17 -21.11 1.13
N LEU A 71 20.30 -20.67 1.64
CA LEU A 71 20.35 -19.92 2.89
C LEU A 71 19.59 -18.61 2.77
N GLN A 72 19.69 -17.96 1.61
CA GLN A 72 19.01 -16.68 1.36
C GLN A 72 17.50 -16.77 1.20
N GLU A 73 17.03 -17.83 0.53
CA GLU A 73 15.59 -18.05 0.38
C GLU A 73 14.94 -18.48 1.71
N ALA A 74 15.63 -19.35 2.46
CA ALA A 74 15.16 -19.78 3.78
C ALA A 74 15.12 -18.61 4.75
N LEU A 75 16.03 -17.66 4.55
CA LEU A 75 16.10 -16.46 5.36
C LEU A 75 14.96 -15.47 5.04
N TRP A 76 14.63 -15.33 3.75
CA TRP A 76 13.50 -14.50 3.35
C TRP A 76 12.19 -15.04 3.95
N ALA A 77 11.97 -16.35 3.77
CA ALA A 77 10.81 -17.04 4.33
C ALA A 77 10.60 -16.76 5.83
N LEU A 78 11.66 -16.89 6.62
CA LEU A 78 11.56 -16.67 8.06
C LEU A 78 11.30 -15.20 8.40
N SER A 79 12.08 -14.31 7.78
CA SER A 79 11.86 -12.86 7.91
C SER A 79 10.40 -12.52 7.66
N ASN A 80 9.87 -13.09 6.58
CA ASN A 80 8.50 -12.87 6.16
C ASN A 80 7.50 -13.27 7.23
N ILE A 81 7.65 -14.49 7.75
CA ILE A 81 6.78 -14.97 8.80
C ILE A 81 6.90 -14.09 10.04
N ALA A 82 8.12 -13.70 10.38
CA ALA A 82 8.39 -12.86 11.54
C ALA A 82 7.84 -11.44 11.40
N SER A 83 7.32 -11.09 10.22
CA SER A 83 6.76 -9.76 9.97
C SER A 83 5.25 -9.71 10.24
N GLY A 84 4.66 -10.85 10.59
CA GLY A 84 3.26 -10.91 11.02
C GLY A 84 3.11 -10.61 12.50
N GLY A 85 2.03 -11.10 13.10
CA GLY A 85 1.76 -10.88 14.51
C GLY A 85 2.74 -11.57 15.46
N ASN A 86 2.52 -11.36 16.76
CA ASN A 86 3.31 -11.99 17.82
C ASN A 86 3.36 -13.52 17.78
N GLU A 87 2.22 -14.15 17.49
CA GLU A 87 2.13 -15.62 17.40
C GLU A 87 3.08 -16.20 16.36
N GLN A 88 3.21 -15.50 15.23
CA GLN A 88 4.05 -15.94 14.11
C GLN A 88 5.54 -15.72 14.38
N ILE A 89 5.86 -14.73 15.22
CA ILE A 89 7.23 -14.48 15.68
C ILE A 89 7.61 -15.57 16.66
N GLN A 90 6.69 -15.89 17.55
CA GLN A 90 6.89 -16.94 18.54
C GLN A 90 7.26 -18.28 17.90
N ALA A 91 6.58 -18.61 16.81
CA ALA A 91 6.86 -19.84 16.08
C ALA A 91 8.28 -19.84 15.51
N VAL A 92 8.71 -18.70 14.97
CA VAL A 92 10.07 -18.50 14.48
C VAL A 92 11.10 -18.70 15.59
N ILE A 93 10.85 -18.06 16.75
CA ILE A 93 11.69 -18.20 17.93
C ILE A 93 11.72 -19.65 18.43
N ASP A 94 10.55 -20.28 18.45
CA ASP A 94 10.40 -21.65 18.94
C ASP A 94 11.18 -22.64 18.09
N ALA A 95 11.27 -22.34 16.80
CA ALA A 95 11.99 -23.18 15.86
C ALA A 95 13.51 -23.02 15.98
N GLY A 96 13.93 -22.08 16.81
CA GLY A 96 15.35 -21.88 17.13
C GLY A 96 16.10 -21.01 16.14
N ALA A 97 15.41 -19.99 15.61
CA ALA A 97 15.98 -19.10 14.59
C ALA A 97 17.07 -18.20 15.12
N LEU A 98 16.90 -17.75 16.36
CA LEU A 98 17.74 -16.69 16.91
C LEU A 98 19.26 -16.98 16.89
N PRO A 99 19.72 -18.07 17.55
CA PRO A 99 21.16 -18.35 17.48
C PRO A 99 21.73 -18.30 16.05
N ALA A 100 21.03 -18.93 15.11
CA ALA A 100 21.45 -18.92 13.71
C ALA A 100 21.41 -17.51 13.11
N LEU A 101 20.37 -16.74 13.43
CA LEU A 101 20.28 -15.35 12.97
C LEU A 101 21.40 -14.49 13.53
N VAL A 102 21.73 -14.67 14.80
CA VAL A 102 22.83 -13.93 15.44
C VAL A 102 24.16 -14.31 14.80
N GLN A 103 24.37 -15.60 14.58
CA GLN A 103 25.57 -16.11 13.92
C GLN A 103 25.76 -15.51 12.52
N LEU A 104 24.66 -15.35 11.79
CA LEU A 104 24.69 -14.82 10.43
C LEU A 104 25.07 -13.34 10.35
N LEU A 105 25.30 -12.71 11.50
CA LEU A 105 25.77 -11.31 11.53
C LEU A 105 27.28 -11.21 11.30
N SER A 106 27.96 -12.36 11.29
CA SER A 106 29.38 -12.46 10.98
C SER A 106 29.62 -12.78 9.50
N SER A 107 28.55 -12.89 8.72
CA SER A 107 28.65 -13.34 7.33
C SER A 107 29.35 -12.33 6.41
N PRO A 108 30.43 -12.74 5.73
CA PRO A 108 31.11 -11.82 4.81
C PRO A 108 30.19 -11.33 3.70
N ASN A 109 29.07 -12.03 3.48
CA ASN A 109 28.08 -11.61 2.50
CA ASN A 109 28.08 -11.61 2.49
C ASN A 109 27.23 -10.45 3.02
N GLU A 110 27.26 -9.35 2.28
CA GLU A 110 26.56 -8.13 2.66
C GLU A 110 25.06 -8.21 2.39
N GLN A 111 24.67 -9.11 1.48
CA GLN A 111 23.28 -9.37 1.18
C GLN A 111 22.67 -10.21 2.30
N ILE A 112 23.39 -11.25 2.71
CA ILE A 112 22.97 -12.11 3.84
C ILE A 112 22.92 -11.35 5.17
N LEU A 113 23.90 -10.49 5.43
CA LEU A 113 23.95 -9.71 6.67
C LEU A 113 22.70 -8.83 6.81
N GLN A 114 22.28 -8.23 5.70
CA GLN A 114 21.17 -7.28 5.68
C GLN A 114 19.83 -7.97 5.90
N GLU A 115 19.71 -9.18 5.34
CA GLU A 115 18.49 -9.96 5.49
C GLU A 115 18.37 -10.53 6.90
N ALA A 116 19.51 -10.87 7.49
CA ALA A 116 19.57 -11.35 8.88
C ALA A 116 19.21 -10.24 9.87
N LEU A 117 19.67 -9.03 9.59
CA LEU A 117 19.35 -7.85 10.40
C LEU A 117 17.87 -7.47 10.32
N TRP A 118 17.27 -7.65 9.14
CA TRP A 118 15.86 -7.38 8.93
C TRP A 118 15.01 -8.42 9.65
N ALA A 119 15.49 -9.66 9.68
CA ALA A 119 14.80 -10.71 10.41
C ALA A 119 14.79 -10.41 11.92
N LEU A 120 15.93 -9.97 12.45
CA LEU A 120 16.02 -9.63 13.86
C LEU A 120 15.12 -8.45 14.23
N SER A 121 15.03 -7.48 13.31
CA SER A 121 14.17 -6.31 13.53
C SER A 121 12.72 -6.74 13.65
N ASN A 122 12.30 -7.64 12.77
CA ASN A 122 10.94 -8.15 12.75
C ASN A 122 10.59 -8.84 14.05
N ILE A 123 11.49 -9.72 14.51
CA ILE A 123 11.28 -10.46 15.75
C ILE A 123 11.27 -9.51 16.95
N ALA A 124 12.13 -8.49 16.91
CA ALA A 124 12.22 -7.52 18.00
C ALA A 124 11.13 -6.45 17.93
N SER A 125 10.20 -6.60 16.98
CA SER A 125 9.06 -5.71 16.88
C SER A 125 7.86 -6.28 17.63
N GLY A 126 8.05 -7.44 18.26
CA GLY A 126 7.03 -8.08 19.08
C GLY A 126 7.12 -7.70 20.55
N GLY A 127 6.54 -8.55 21.40
CA GLY A 127 6.45 -8.31 22.84
C GLY A 127 7.78 -8.30 23.57
N ASN A 128 7.76 -7.84 24.81
CA ASN A 128 8.96 -7.65 25.61
C ASN A 128 9.78 -8.92 25.84
N GLU A 129 9.09 -10.04 26.06
CA GLU A 129 9.76 -11.32 26.32
C GLU A 129 10.37 -11.91 25.05
N GLN A 130 9.84 -11.51 23.89
CA GLN A 130 10.40 -11.90 22.60
C GLN A 130 11.61 -11.05 22.24
N ILE A 131 11.58 -9.77 22.60
CA ILE A 131 12.75 -8.89 22.52
C ILE A 131 13.80 -9.43 23.49
N GLN A 132 13.37 -9.94 24.63
CA GLN A 132 14.27 -10.53 25.61
C GLN A 132 14.99 -11.73 25.01
N ALA A 133 14.23 -12.61 24.35
CA ALA A 133 14.80 -13.75 23.65
C ALA A 133 15.92 -13.32 22.70
N VAL A 134 15.65 -12.27 21.90
CA VAL A 134 16.67 -11.70 21.02
C VAL A 134 17.92 -11.29 21.80
N ILE A 135 17.72 -10.57 22.91
CA ILE A 135 18.81 -10.13 23.78
C ILE A 135 19.61 -11.32 24.29
N ASP A 136 18.90 -12.31 24.84
CA ASP A 136 19.53 -13.54 25.36
C ASP A 136 20.39 -14.25 24.32
N ALA A 137 19.94 -14.23 23.06
CA ALA A 137 20.67 -14.88 21.96
C ALA A 137 21.99 -14.17 21.64
N GLY A 138 22.21 -13.03 22.29
CA GLY A 138 23.47 -12.29 22.15
C GLY A 138 23.55 -11.46 20.89
N ALA A 139 22.40 -10.92 20.47
CA ALA A 139 22.34 -10.09 19.28
C ALA A 139 23.03 -8.73 19.48
N LEU A 140 22.91 -8.16 20.67
CA LEU A 140 23.41 -6.81 20.98
C LEU A 140 24.91 -6.54 20.75
N PRO A 141 25.80 -7.45 21.20
CA PRO A 141 27.23 -7.20 20.93
C PRO A 141 27.53 -7.05 19.44
N ALA A 142 26.86 -7.83 18.60
CA ALA A 142 27.08 -7.77 17.15
C ALA A 142 26.40 -6.56 16.52
N LEU A 143 25.20 -6.21 16.99
CA LEU A 143 24.47 -5.04 16.50
C LEU A 143 25.25 -3.74 16.71
N VAL A 144 25.88 -3.62 17.88
CA VAL A 144 26.63 -2.42 18.26
C VAL A 144 27.88 -2.23 17.41
N GLN A 145 28.69 -3.27 17.29
CA GLN A 145 29.90 -3.21 16.46
C GLN A 145 29.55 -2.94 15.00
N LEU A 146 28.36 -3.39 14.59
CA LEU A 146 27.86 -3.14 13.24
C LEU A 146 27.37 -1.69 13.04
N LEU A 147 27.40 -0.90 14.12
CA LEU A 147 27.10 0.54 14.03
C LEU A 147 28.28 1.35 13.51
N SER A 148 29.48 0.76 13.56
CA SER A 148 30.70 1.43 13.07
C SER A 148 31.07 0.93 11.68
N SER A 149 30.05 0.58 10.90
CA SER A 149 30.21 0.00 9.57
C SER A 149 30.33 1.07 8.48
N PRO A 150 31.26 0.88 7.53
CA PRO A 150 31.39 1.73 6.34
C PRO A 150 30.16 1.64 5.44
N ASN A 151 29.53 0.46 5.43
CA ASN A 151 28.33 0.21 4.65
C ASN A 151 27.10 0.88 5.28
N GLU A 152 26.61 1.92 4.62
CA GLU A 152 25.49 2.72 5.13
C GLU A 152 24.18 1.93 5.22
N GLN A 153 23.96 1.03 4.27
CA GLN A 153 22.72 0.26 4.19
C GLN A 153 22.63 -0.77 5.32
N ILE A 154 23.78 -1.32 5.69
CA ILE A 154 23.88 -2.24 6.83
C ILE A 154 23.62 -1.48 8.13
N LEU A 155 24.35 -0.38 8.31
CA LEU A 155 24.19 0.52 9.45
C LEU A 155 22.74 0.88 9.73
N GLN A 156 21.98 1.16 8.67
CA GLN A 156 20.58 1.58 8.76
C GLN A 156 19.69 0.48 9.33
N GLU A 157 19.94 -0.76 8.92
CA GLU A 157 19.15 -1.89 9.40
C GLU A 157 19.57 -2.34 10.79
N ALA A 158 20.86 -2.29 11.08
CA ALA A 158 21.35 -2.55 12.43
C ALA A 158 20.77 -1.54 13.43
N LEU A 159 20.66 -0.29 12.99
CA LEU A 159 20.10 0.81 13.77
C LEU A 159 18.60 0.62 14.03
N TRP A 160 17.87 0.16 13.00
CA TRP A 160 16.44 -0.10 13.12
C TRP A 160 16.17 -1.26 14.08
N ALA A 161 17.08 -2.25 14.07
CA ALA A 161 16.98 -3.40 14.96
C ALA A 161 17.17 -3.00 16.44
N LEU A 162 18.08 -2.06 16.69
CA LEU A 162 18.32 -1.55 18.02
C LEU A 162 17.13 -0.72 18.54
N SER A 163 16.55 0.09 17.67
CA SER A 163 15.38 0.92 18.01
C SER A 163 14.24 0.06 18.52
N ASN A 164 13.99 -1.05 17.83
CA ASN A 164 12.90 -1.95 18.20
C ASN A 164 13.18 -2.64 19.53
N ILE A 165 14.44 -3.06 19.73
CA ILE A 165 14.85 -3.57 21.02
C ILE A 165 14.66 -2.47 22.07
N ALA A 166 15.03 -1.24 21.71
CA ALA A 166 14.90 -0.07 22.58
C ALA A 166 13.45 0.36 22.82
N SER A 167 12.50 -0.33 22.21
CA SER A 167 11.08 -0.02 22.42
C SER A 167 10.42 -1.06 23.34
N GLY A 168 11.25 -1.90 23.95
CA GLY A 168 10.77 -2.84 24.96
C GLY A 168 10.66 -2.18 26.32
N GLY A 169 10.65 -2.99 27.36
CA GLY A 169 10.60 -2.49 28.73
C GLY A 169 11.92 -1.91 29.17
N ASN A 170 11.92 -1.26 30.34
CA ASN A 170 13.10 -0.62 30.91
C ASN A 170 14.32 -1.54 30.96
N GLU A 171 14.10 -2.78 31.37
CA GLU A 171 15.15 -3.79 31.42
C GLU A 171 15.74 -4.14 30.04
N GLN A 172 14.90 -4.14 29.01
CA GLN A 172 15.37 -4.34 27.64
C GLN A 172 16.16 -3.12 27.14
N ILE A 173 15.68 -1.94 27.50
CA ILE A 173 16.37 -0.68 27.20
C ILE A 173 17.75 -0.65 27.89
N GLN A 174 17.80 -1.11 29.14
CA GLN A 174 19.04 -1.13 29.91
C GLN A 174 20.06 -2.08 29.30
N ALA A 175 19.56 -3.17 28.70
CA ALA A 175 20.42 -4.11 27.99
C ALA A 175 21.10 -3.47 26.78
N VAL A 176 20.37 -2.58 26.10
CA VAL A 176 20.93 -1.78 25.02
C VAL A 176 22.06 -0.89 25.56
N ILE A 177 21.79 -0.19 26.65
CA ILE A 177 22.78 0.69 27.30
C ILE A 177 24.02 -0.10 27.71
N ASP A 178 23.81 -1.20 28.44
CA ASP A 178 24.91 -2.05 28.91
C ASP A 178 25.79 -2.58 27.76
N ALA A 179 25.21 -2.72 26.57
CA ALA A 179 25.93 -3.25 25.42
C ALA A 179 26.88 -2.23 24.78
N GLY A 180 26.89 -1.01 25.33
CA GLY A 180 27.76 0.05 24.84
C GLY A 180 27.24 0.68 23.57
N ALA A 181 25.94 0.98 23.54
CA ALA A 181 25.29 1.47 22.32
C ALA A 181 25.27 2.99 22.20
N LEU A 182 25.25 3.70 23.33
CA LEU A 182 25.03 5.15 23.32
C LEU A 182 26.12 5.98 22.63
N PRO A 183 27.42 5.80 22.99
CA PRO A 183 28.48 6.55 22.31
C PRO A 183 28.32 6.55 20.80
N ALA A 184 28.01 5.38 20.24
CA ALA A 184 27.82 5.21 18.80
C ALA A 184 26.57 5.94 18.30
N LEU A 185 25.50 5.88 19.08
CA LEU A 185 24.25 6.55 18.73
C LEU A 185 24.39 8.06 18.71
N VAL A 186 25.07 8.60 19.74
CA VAL A 186 25.29 10.03 19.85
C VAL A 186 26.15 10.54 18.68
N GLN A 187 27.21 9.79 18.36
CA GLN A 187 28.05 10.08 17.20
C GLN A 187 27.21 10.13 15.91
N LEU A 188 26.21 9.26 15.84
CA LEU A 188 25.37 9.14 14.66
C LEU A 188 24.42 10.33 14.45
N LEU A 189 24.35 11.22 15.44
CA LEU A 189 23.62 12.48 15.28
C LEU A 189 24.47 13.52 14.51
N SER A 190 25.70 13.15 14.16
CA SER A 190 26.56 13.96 13.30
C SER A 190 26.56 13.46 11.85
N SER A 191 25.66 12.53 11.54
CA SER A 191 25.63 11.87 10.23
C SER A 191 25.24 12.83 9.09
N PRO A 192 26.04 12.84 8.00
CA PRO A 192 25.69 13.57 6.77
C PRO A 192 24.40 13.04 6.15
N ASN A 193 24.19 11.73 6.26
CA ASN A 193 22.96 11.06 5.84
C ASN A 193 21.82 11.40 6.80
N GLU A 194 20.78 12.05 6.27
CA GLU A 194 19.66 12.53 7.10
C GLU A 194 18.79 11.40 7.66
N GLN A 195 18.55 10.36 6.88
CA GLN A 195 17.71 9.24 7.28
C GLN A 195 18.28 8.47 8.49
N ILE A 196 19.62 8.35 8.53
CA ILE A 196 20.30 7.71 9.66
C ILE A 196 20.11 8.53 10.94
N LEU A 197 20.24 9.85 10.82
CA LEU A 197 20.03 10.77 11.94
C LEU A 197 18.68 10.54 12.59
N GLN A 198 17.64 10.47 11.76
CA GLN A 198 16.26 10.31 12.23
C GLN A 198 16.00 8.99 12.95
N GLU A 199 16.69 7.93 12.52
CA GLU A 199 16.58 6.64 13.21
C GLU A 199 17.44 6.60 14.46
N ALA A 200 18.60 7.26 14.41
CA ALA A 200 19.42 7.49 15.61
C ALA A 200 18.63 8.31 16.62
N LEU A 201 17.89 9.30 16.12
CA LEU A 201 17.00 10.11 16.93
C LEU A 201 15.91 9.28 17.58
N TRP A 202 15.21 8.48 16.77
CA TRP A 202 14.10 7.67 17.24
C TRP A 202 14.55 6.56 18.19
N ALA A 203 15.80 6.12 18.03
CA ALA A 203 16.40 5.13 18.93
C ALA A 203 16.63 5.74 20.31
N LEU A 204 17.22 6.94 20.32
CA LEU A 204 17.45 7.67 21.58
C LEU A 204 16.13 8.11 22.20
N SER A 205 15.16 8.43 21.35
CA SER A 205 13.82 8.78 21.81
C SER A 205 13.14 7.60 22.51
N ASN A 206 13.33 6.40 21.98
CA ASN A 206 12.77 5.19 22.60
C ASN A 206 13.40 4.85 23.94
N ILE A 207 14.72 5.07 24.03
CA ILE A 207 15.45 4.93 25.27
C ILE A 207 14.95 5.92 26.30
N ALA A 208 14.68 7.16 25.84
CA ALA A 208 14.22 8.25 26.70
C ALA A 208 12.83 8.03 27.28
N SER A 209 12.09 7.06 26.74
CA SER A 209 10.79 6.67 27.27
C SER A 209 10.93 5.73 28.46
N GLY A 210 12.17 5.51 28.90
CA GLY A 210 12.45 4.73 30.09
C GLY A 210 12.42 5.57 31.35
N GLY A 211 12.81 4.96 32.47
CA GLY A 211 12.82 5.66 33.76
C GLY A 211 14.06 6.50 33.93
N ASN A 212 14.29 6.94 35.18
CA ASN A 212 15.42 7.79 35.55
C ASN A 212 16.80 7.27 35.11
N GLU A 213 17.04 5.97 35.34
CA GLU A 213 18.32 5.36 35.05
C GLU A 213 18.67 5.45 33.57
N GLN A 214 17.67 5.23 32.72
CA GLN A 214 17.87 5.24 31.27
C GLN A 214 18.14 6.65 30.75
N LYS A 215 17.43 7.64 31.32
CA LYS A 215 17.61 9.05 30.97
C LYS A 215 19.01 9.56 31.29
N GLN A 216 19.51 9.26 32.49
CA GLN A 216 20.83 9.72 32.93
C GLN A 216 21.93 9.18 32.03
N ALA A 217 21.84 7.88 31.71
CA ALA A 217 22.79 7.23 30.82
C ALA A 217 22.92 7.99 29.49
N VAL A 218 21.78 8.47 28.98
CA VAL A 218 21.73 9.28 27.77
C VAL A 218 22.32 10.67 27.99
N LYS A 219 22.13 11.24 29.19
CA LYS A 219 22.76 12.51 29.54
C LYS A 219 24.27 12.36 29.71
N GLU A 220 24.73 11.19 30.18
CA GLU A 220 26.16 10.90 30.33
C GLU A 220 26.87 10.77 28.99
N ALA A 221 26.16 10.24 28.00
CA ALA A 221 26.71 10.01 26.66
C ALA A 221 26.87 11.30 25.85
N GLY A 222 26.33 12.40 26.37
CA GLY A 222 26.47 13.72 25.77
C GLY A 222 25.39 14.04 24.74
N ALA A 223 24.18 13.53 24.97
CA ALA A 223 23.09 13.68 23.99
C ALA A 223 22.30 14.98 24.17
N LEU A 224 22.36 15.57 25.36
CA LEU A 224 21.74 16.87 25.61
C LEU A 224 22.37 17.95 24.75
N GLU A 225 23.70 18.00 24.75
CA GLU A 225 24.48 18.97 23.98
C GLU A 225 24.11 18.94 22.51
N LYS A 226 23.96 17.72 21.98
CA LYS A 226 23.72 17.50 20.56
C LYS A 226 22.31 17.91 20.14
N LEU A 227 21.30 17.39 20.84
CA LEU A 227 19.90 17.72 20.55
C LEU A 227 19.60 19.22 20.67
N GLU A 228 20.30 19.89 21.59
CA GLU A 228 20.20 21.33 21.80
C GLU A 228 20.64 22.08 20.54
N GLN A 229 21.90 21.90 20.16
CA GLN A 229 22.44 22.50 18.93
C GLN A 229 22.23 21.59 17.72
N LEU A 230 21.01 21.04 17.64
CA LEU A 230 20.55 20.24 16.49
C LEU A 230 19.08 20.59 16.25
N GLN A 231 18.45 21.22 17.24
CA GLN A 231 17.07 21.68 17.15
C GLN A 231 16.97 22.82 16.12
N SER A 232 18.11 23.15 15.52
CA SER A 232 18.21 24.10 14.42
C SER A 232 18.98 23.51 13.23
N HIS A 233 18.40 22.46 12.63
CA HIS A 233 18.94 21.82 11.43
C HIS A 233 18.10 22.25 10.21
N GLU A 234 18.66 22.11 9.02
CA GLU A 234 18.00 22.49 7.76
C GLU A 234 16.56 21.96 7.65
N ASN A 235 16.39 20.66 7.87
CA ASN A 235 15.09 19.99 7.75
C ASN A 235 14.12 20.39 8.86
N GLU A 236 12.82 20.26 8.61
CA GLU A 236 11.79 20.64 9.58
C GLU A 236 11.38 19.52 10.56
N LYS A 237 11.26 18.29 10.06
CA LYS A 237 10.80 17.18 10.91
C LYS A 237 11.92 16.54 11.73
N ILE A 238 13.17 16.88 11.39
CA ILE A 238 14.33 16.46 12.16
C ILE A 238 14.48 17.36 13.39
N GLN A 239 13.82 18.52 13.36
CA GLN A 239 13.75 19.42 14.50
C GLN A 239 12.54 19.07 15.35
N LYS A 240 11.48 18.60 14.68
CA LYS A 240 10.22 18.21 15.33
C LYS A 240 10.37 16.91 16.13
N GLU A 241 11.42 16.14 15.82
CA GLU A 241 11.66 14.86 16.49
C GLU A 241 12.80 14.96 17.51
N ALA A 242 13.69 15.95 17.30
CA ALA A 242 14.75 16.25 18.26
C ALA A 242 14.22 17.08 19.41
N GLN A 243 13.10 17.77 19.17
CA GLN A 243 12.41 18.54 20.19
C GLN A 243 11.71 17.59 21.15
N GLU A 244 11.15 16.51 20.60
CA GLU A 244 10.51 15.46 21.39
C GLU A 244 11.54 14.60 22.11
N ALA A 245 12.68 14.37 21.45
CA ALA A 245 13.77 13.58 22.02
C ALA A 245 14.52 14.32 23.14
N LEU A 246 14.32 15.63 23.21
CA LEU A 246 14.94 16.44 24.26
C LEU A 246 13.96 16.73 25.39
N GLU A 247 12.67 16.80 25.06
CA GLU A 247 11.64 17.19 26.00
C GLU A 247 11.28 16.08 27.00
N LYS A 248 11.32 14.83 26.54
CA LYS A 248 11.00 13.68 27.39
C LYS A 248 12.11 13.37 28.39
N LEU A 249 13.35 13.73 28.04
CA LEU A 249 14.49 13.59 28.94
C LEU A 249 14.41 14.54 30.16
N GLN A 250 13.20 15.06 30.42
CA GLN A 250 12.95 15.93 31.57
C GLN A 250 12.30 15.17 32.72
N SER B 12 -1.44 17.27 13.55
CA SER B 12 -2.62 17.01 12.67
C SER B 12 -3.14 15.57 12.85
N GLU B 13 -4.45 15.43 12.96
CA GLU B 13 -5.11 14.14 13.09
C GLU B 13 -6.24 13.99 12.07
N LEU B 14 -6.02 13.10 11.09
CA LEU B 14 -6.90 12.95 9.94
C LEU B 14 -8.24 12.22 10.18
N PRO B 15 -8.24 11.15 11.01
CA PRO B 15 -9.50 10.44 11.26
C PRO B 15 -10.53 11.29 12.01
N GLN B 16 -10.05 12.27 12.76
CA GLN B 16 -10.92 13.25 13.43
C GLN B 16 -11.65 14.11 12.39
N MET B 17 -10.87 14.62 11.43
CA MET B 17 -11.38 15.50 10.38
C MET B 17 -12.33 14.79 9.42
N THR B 18 -12.16 13.49 9.25
CA THR B 18 -13.03 12.70 8.38
C THR B 18 -14.45 12.66 8.96
N GLN B 19 -14.53 12.56 10.28
CA GLN B 19 -15.80 12.60 11.01
C GLN B 19 -16.44 13.99 11.01
N GLN B 20 -15.60 15.03 10.88
CA GLN B 20 -16.09 16.39 10.70
C GLN B 20 -16.74 16.59 9.33
N LEU B 21 -16.21 15.91 8.31
CA LEU B 21 -16.83 15.92 6.98
C LEU B 21 -18.22 15.26 7.04
N ASN B 22 -18.32 14.20 7.85
CA ASN B 22 -19.58 13.49 8.07
C ASN B 22 -20.47 14.18 9.10
N SER B 23 -19.96 15.26 9.69
CA SER B 23 -20.69 16.02 10.72
C SER B 23 -22.01 16.58 10.20
N ASP B 24 -22.82 17.09 11.13
CA ASP B 24 -24.08 17.77 10.81
C ASP B 24 -23.86 19.28 10.72
N ASP B 25 -22.76 19.76 11.32
CA ASP B 25 -22.48 21.19 11.36
C ASP B 25 -21.70 21.66 10.13
N MET B 26 -22.26 22.67 9.47
CA MET B 26 -21.68 23.25 8.27
C MET B 26 -20.34 23.93 8.50
N GLN B 27 -20.22 24.69 9.59
CA GLN B 27 -18.95 25.32 9.97
C GLN B 27 -17.84 24.27 10.13
N GLU B 28 -18.20 23.12 10.70
CA GLU B 28 -17.29 22.00 10.87
C GLU B 28 -16.98 21.33 9.54
N GLN B 29 -18.01 21.13 8.72
CA GLN B 29 -17.87 20.61 7.36
C GLN B 29 -16.85 21.43 6.57
N LEU B 30 -17.08 22.75 6.51
CA LEU B 30 -16.22 23.67 5.77
C LEU B 30 -14.77 23.63 6.26
N SER B 31 -14.60 23.57 7.57
CA SER B 31 -13.28 23.59 8.21
C SER B 31 -12.45 22.37 7.83
N ALA B 32 -13.05 21.20 7.90
CA ALA B 32 -12.36 19.96 7.59
C ALA B 32 -12.08 19.86 6.10
N THR B 33 -13.04 20.29 5.28
CA THR B 33 -12.88 20.32 3.83
C THR B 33 -11.71 21.22 3.43
N ARG B 34 -11.64 22.40 4.04
CA ARG B 34 -10.59 23.36 3.72
C ARG B 34 -9.23 22.79 4.09
N LYS B 35 -9.13 22.17 5.26
CA LYS B 35 -7.88 21.60 5.73
C LYS B 35 -7.43 20.39 4.92
N PHE B 36 -8.37 19.57 4.46
CA PHE B 36 -8.06 18.47 3.56
C PHE B 36 -7.53 19.01 2.22
N SER B 37 -8.18 20.05 1.71
CA SER B 37 -7.72 20.76 0.52
C SER B 37 -6.30 21.30 0.68
N GLN B 38 -6.00 21.87 1.85
CA GLN B 38 -4.67 22.44 2.07
C GLN B 38 -3.59 21.36 2.06
N ILE B 39 -3.91 20.19 2.61
CA ILE B 39 -2.97 19.07 2.65
C ILE B 39 -2.72 18.51 1.24
N LEU B 40 -3.79 18.27 0.49
CA LEU B 40 -3.70 17.81 -0.89
C LEU B 40 -2.95 18.78 -1.81
N SER B 41 -3.29 20.07 -1.72
CA SER B 41 -2.59 21.09 -2.50
C SER B 41 -1.11 21.17 -2.10
N ASP B 42 -0.83 21.20 -0.80
CA ASP B 42 0.55 21.27 -0.29
C ASP B 42 1.41 20.10 -0.77
N GLY B 43 0.82 18.91 -0.80
CA GLY B 43 1.51 17.72 -1.29
C GLY B 43 1.91 17.84 -2.76
N ASN B 44 0.92 18.15 -3.61
CA ASN B 44 1.15 18.33 -5.04
C ASN B 44 2.02 19.53 -5.38
N GLU B 45 1.95 20.57 -4.54
CA GLU B 45 2.84 21.72 -4.63
C GLU B 45 4.30 21.27 -4.49
N GLN B 46 4.55 20.37 -3.54
CA GLN B 46 5.89 19.87 -3.28
C GLN B 46 6.42 19.00 -4.41
N ILE B 47 5.54 18.21 -5.03
CA ILE B 47 5.89 17.41 -6.20
C ILE B 47 6.31 18.34 -7.33
N GLN B 48 5.42 19.29 -7.65
CA GLN B 48 5.57 20.18 -8.79
C GLN B 48 6.77 21.11 -8.63
N ALA B 49 7.07 21.48 -7.38
CA ALA B 49 8.21 22.33 -7.07
C ALA B 49 9.51 21.67 -7.54
N VAL B 50 9.60 20.37 -7.33
CA VAL B 50 10.73 19.55 -7.76
C VAL B 50 10.84 19.51 -9.29
N ILE B 51 9.71 19.33 -9.97
CA ILE B 51 9.69 19.41 -11.42
C ILE B 51 10.09 20.80 -11.94
N ASP B 52 9.57 21.86 -11.32
CA ASP B 52 9.81 23.25 -11.78
C ASP B 52 11.25 23.69 -11.65
N ALA B 53 11.98 23.08 -10.72
CA ALA B 53 13.38 23.39 -10.50
C ALA B 53 14.30 22.64 -11.47
N GLY B 54 13.72 21.75 -12.26
CA GLY B 54 14.45 21.05 -13.32
C GLY B 54 15.27 19.88 -12.83
N ALA B 55 14.74 19.17 -11.84
CA ALA B 55 15.46 18.06 -11.23
C ALA B 55 15.45 16.84 -12.13
N LEU B 56 14.32 16.62 -12.83
CA LEU B 56 14.15 15.45 -13.67
C LEU B 56 15.29 15.16 -14.66
N PRO B 57 15.66 16.15 -15.51
CA PRO B 57 16.71 15.83 -16.49
C PRO B 57 18.00 15.36 -15.82
N ALA B 58 18.35 15.97 -14.70
CA ALA B 58 19.58 15.64 -13.99
C ALA B 58 19.48 14.31 -13.23
N LEU B 59 18.27 13.97 -12.79
CA LEU B 59 18.03 12.67 -12.16
C LEU B 59 18.18 11.55 -13.17
N VAL B 60 17.70 11.80 -14.41
CA VAL B 60 17.84 10.84 -15.50
C VAL B 60 19.31 10.54 -15.79
N GLN B 61 20.11 11.59 -15.98
CA GLN B 61 21.56 11.43 -16.12
C GLN B 61 22.11 10.52 -15.01
N LEU B 62 21.61 10.73 -13.79
CA LEU B 62 22.06 9.94 -12.63
C LEU B 62 21.72 8.46 -12.67
N LEU B 63 20.90 8.05 -13.64
CA LEU B 63 20.62 6.63 -13.87
C LEU B 63 21.81 5.94 -14.56
N SER B 64 22.73 6.74 -15.09
CA SER B 64 23.95 6.25 -15.70
C SER B 64 25.09 6.21 -14.70
N SER B 65 24.80 6.56 -13.45
CA SER B 65 25.79 6.55 -12.37
C SER B 65 26.26 5.14 -12.07
N PRO B 66 27.58 4.97 -11.83
CA PRO B 66 28.13 3.69 -11.39
C PRO B 66 27.83 3.39 -9.93
N ASN B 67 27.50 4.43 -9.17
CA ASN B 67 27.12 4.28 -7.76
C ASN B 67 25.71 3.71 -7.64
N GLU B 68 25.62 2.48 -7.10
CA GLU B 68 24.34 1.79 -6.93
C GLU B 68 23.35 2.56 -6.03
N GLN B 69 23.87 3.25 -5.01
CA GLN B 69 23.05 4.02 -4.10
C GLN B 69 22.41 5.21 -4.81
N ILE B 70 23.22 5.94 -5.58
CA ILE B 70 22.76 7.08 -6.36
C ILE B 70 21.72 6.65 -7.40
N LEU B 71 22.01 5.56 -8.11
CA LEU B 71 21.09 5.01 -9.09
C LEU B 71 19.72 4.62 -8.51
N GLN B 72 19.73 3.92 -7.37
CA GLN B 72 18.47 3.49 -6.72
C GLN B 72 17.64 4.69 -6.26
N GLU B 73 18.32 5.69 -5.72
CA GLU B 73 17.69 6.89 -5.22
C GLU B 73 17.08 7.74 -6.34
N ALA B 74 17.78 7.83 -7.48
CA ALA B 74 17.26 8.56 -8.64
C ALA B 74 16.11 7.82 -9.32
N LEU B 75 16.23 6.49 -9.40
CA LEU B 75 15.21 5.65 -9.97
C LEU B 75 13.92 5.74 -9.16
N TRP B 76 14.06 5.73 -7.83
CA TRP B 76 12.92 5.78 -6.94
C TRP B 76 12.21 7.13 -7.04
N ALA B 77 13.00 8.21 -7.12
CA ALA B 77 12.46 9.56 -7.31
C ALA B 77 11.71 9.69 -8.64
N LEU B 78 12.28 9.13 -9.71
CA LEU B 78 11.64 9.17 -11.02
C LEU B 78 10.36 8.33 -11.06
N SER B 79 10.42 7.13 -10.49
CA SER B 79 9.24 6.27 -10.37
C SER B 79 8.11 6.95 -9.59
N ASN B 80 8.51 7.65 -8.55
CA ASN B 80 7.56 8.36 -7.71
C ASN B 80 6.71 9.30 -8.55
N ILE B 81 7.36 10.08 -9.41
CA ILE B 81 6.70 11.03 -10.30
C ILE B 81 5.90 10.35 -11.42
N ALA B 82 6.47 9.30 -12.00
CA ALA B 82 5.83 8.59 -13.10
C ALA B 82 4.54 7.89 -12.66
N SER B 83 4.41 7.74 -11.34
CA SER B 83 3.23 7.11 -10.74
C SER B 83 2.07 8.08 -10.58
N GLY B 84 2.31 9.36 -10.83
CA GLY B 84 1.25 10.37 -10.72
C GLY B 84 0.39 10.44 -11.96
N GLY B 85 -0.22 11.60 -12.18
CA GLY B 85 -1.03 11.83 -13.37
C GLY B 85 -0.23 11.89 -14.65
N ASN B 86 -0.93 12.17 -15.75
CA ASN B 86 -0.32 12.26 -17.07
C ASN B 86 0.57 13.48 -17.29
N GLU B 87 0.27 14.55 -16.56
CA GLU B 87 1.12 15.76 -16.56
C GLU B 87 2.51 15.39 -16.09
N GLN B 88 2.56 14.51 -15.08
CA GLN B 88 3.81 14.11 -14.45
C GLN B 88 4.53 13.01 -15.23
N ILE B 89 3.77 12.13 -15.89
CA ILE B 89 4.35 11.17 -16.85
C ILE B 89 5.03 11.91 -17.99
N GLN B 90 4.35 12.94 -18.51
CA GLN B 90 4.94 13.71 -19.60
C GLN B 90 6.28 14.30 -19.18
N ALA B 91 6.29 14.96 -18.03
CA ALA B 91 7.52 15.53 -17.46
C ALA B 91 8.68 14.52 -17.44
N VAL B 92 8.38 13.30 -17.02
CA VAL B 92 9.35 12.19 -16.99
C VAL B 92 9.87 11.79 -18.37
N ILE B 93 8.97 11.73 -19.35
CA ILE B 93 9.34 11.47 -20.75
C ILE B 93 10.18 12.63 -21.31
N ASP B 94 9.70 13.86 -21.10
CA ASP B 94 10.40 15.08 -21.51
C ASP B 94 11.85 15.12 -21.02
N ALA B 95 12.11 14.47 -19.89
CA ALA B 95 13.47 14.41 -19.34
C ALA B 95 14.34 13.35 -20.04
N GLY B 96 13.71 12.53 -20.86
CA GLY B 96 14.41 11.47 -21.60
C GLY B 96 14.75 10.27 -20.74
N ALA B 97 13.85 9.92 -19.83
CA ALA B 97 14.07 8.82 -18.90
C ALA B 97 13.93 7.45 -19.56
N LEU B 98 13.08 7.37 -20.59
CA LEU B 98 12.71 6.09 -21.21
C LEU B 98 13.87 5.21 -21.70
N PRO B 99 14.84 5.79 -22.44
CA PRO B 99 15.96 4.97 -22.87
C PRO B 99 16.72 4.35 -21.69
N ALA B 100 16.87 5.12 -20.62
CA ALA B 100 17.61 4.65 -19.45
C ALA B 100 16.83 3.57 -18.69
N LEU B 101 15.52 3.80 -18.53
CA LEU B 101 14.64 2.80 -17.92
C LEU B 101 14.67 1.48 -18.69
N VAL B 102 14.75 1.56 -20.03
CA VAL B 102 14.90 0.37 -20.86
C VAL B 102 16.22 -0.35 -20.57
N GLN B 103 17.33 0.39 -20.56
CA GLN B 103 18.64 -0.17 -20.20
C GLN B 103 18.59 -0.91 -18.86
N LEU B 104 17.92 -0.31 -17.89
CA LEU B 104 17.79 -0.87 -16.54
C LEU B 104 16.95 -2.15 -16.45
N LEU B 105 16.33 -2.57 -17.56
CA LEU B 105 15.58 -3.83 -17.58
C LEU B 105 16.49 -5.06 -17.68
N SER B 106 17.71 -4.87 -18.17
CA SER B 106 18.69 -5.95 -18.20
C SER B 106 19.73 -5.75 -17.09
N SER B 107 19.25 -5.79 -15.85
CA SER B 107 20.05 -5.43 -14.69
C SER B 107 20.08 -6.60 -13.71
N PRO B 108 21.29 -6.93 -13.20
CA PRO B 108 21.47 -8.10 -12.34
C PRO B 108 20.84 -7.92 -10.97
N ASN B 109 20.60 -6.67 -10.60
CA ASN B 109 19.89 -6.35 -9.36
C ASN B 109 18.39 -6.47 -9.60
N GLU B 110 17.78 -7.44 -8.92
CA GLU B 110 16.36 -7.70 -9.11
C GLU B 110 15.47 -6.59 -8.57
N GLN B 111 15.90 -5.93 -7.49
CA GLN B 111 15.14 -4.83 -6.90
C GLN B 111 15.14 -3.60 -7.81
N ILE B 112 16.27 -3.32 -8.44
CA ILE B 112 16.40 -2.21 -9.39
C ILE B 112 15.60 -2.46 -10.67
N LEU B 113 15.72 -3.67 -11.21
CA LEU B 113 15.00 -4.04 -12.42
C LEU B 113 13.49 -3.97 -12.24
N GLN B 114 12.99 -4.42 -11.08
CA GLN B 114 11.56 -4.37 -10.74
C GLN B 114 11.03 -2.95 -10.60
N GLU B 115 11.86 -2.04 -10.09
CA GLU B 115 11.44 -0.65 -9.94
C GLU B 115 11.45 0.08 -11.27
N ALA B 116 12.46 -0.21 -12.10
CA ALA B 116 12.51 0.31 -13.47
C ALA B 116 11.34 -0.23 -14.28
N LEU B 117 10.94 -1.46 -13.99
CA LEU B 117 9.83 -2.11 -14.67
C LEU B 117 8.48 -1.51 -14.27
N TRP B 118 8.30 -1.26 -12.98
CA TRP B 118 7.09 -0.60 -12.45
C TRP B 118 6.95 0.79 -13.03
N ALA B 119 8.09 1.49 -13.17
CA ALA B 119 8.13 2.81 -13.78
C ALA B 119 7.57 2.76 -15.21
N LEU B 120 8.09 1.83 -16.01
CA LEU B 120 7.71 1.68 -17.42
C LEU B 120 6.22 1.45 -17.64
N SER B 121 5.64 0.51 -16.89
CA SER B 121 4.22 0.21 -17.03
C SER B 121 3.32 1.37 -16.59
N ASN B 122 3.78 2.14 -15.60
CA ASN B 122 3.11 3.39 -15.22
C ASN B 122 3.09 4.37 -16.39
N ILE B 123 4.22 4.52 -17.08
CA ILE B 123 4.34 5.40 -18.24
C ILE B 123 3.48 4.87 -19.38
N ALA B 124 3.49 3.54 -19.55
CA ALA B 124 2.67 2.87 -20.56
C ALA B 124 1.18 2.80 -20.19
N SER B 125 0.82 3.28 -19.00
CA SER B 125 -0.58 3.35 -18.58
C SER B 125 -1.20 4.72 -18.95
N GLY B 126 -0.40 5.56 -19.58
CA GLY B 126 -0.86 6.87 -20.04
C GLY B 126 -1.56 6.77 -21.37
N GLY B 127 -1.68 7.91 -22.05
CA GLY B 127 -2.35 7.96 -23.34
C GLY B 127 -1.56 7.28 -24.45
N ASN B 128 -2.17 7.20 -25.62
CA ASN B 128 -1.56 6.57 -26.78
C ASN B 128 -0.20 7.17 -27.17
N GLU B 129 -0.04 8.48 -26.95
CA GLU B 129 1.22 9.17 -27.23
C GLU B 129 2.33 8.65 -26.32
N GLN B 130 1.99 8.42 -25.06
CA GLN B 130 2.95 7.96 -24.07
C GLN B 130 3.36 6.50 -24.30
N ILE B 131 2.41 5.68 -24.72
CA ILE B 131 2.70 4.30 -25.13
C ILE B 131 3.68 4.29 -26.32
N GLN B 132 3.45 5.19 -27.28
CA GLN B 132 4.31 5.28 -28.46
C GLN B 132 5.73 5.64 -28.08
N ALA B 133 5.87 6.54 -27.10
CA ALA B 133 7.18 6.87 -26.55
C ALA B 133 7.90 5.64 -26.01
N VAL B 134 7.15 4.77 -25.31
CA VAL B 134 7.67 3.49 -24.77
C VAL B 134 8.13 2.53 -25.87
N ILE B 135 7.25 2.27 -26.85
CA ILE B 135 7.61 1.45 -28.01
C ILE B 135 8.85 2.00 -28.71
N ASP B 136 8.83 3.30 -29.00
CA ASP B 136 9.91 3.98 -29.69
C ASP B 136 11.26 3.87 -28.96
N ALA B 137 11.22 3.67 -27.64
CA ALA B 137 12.44 3.60 -26.83
C ALA B 137 13.13 2.25 -26.87
N GLY B 138 12.46 1.23 -27.41
CA GLY B 138 12.99 -0.12 -27.48
C GLY B 138 12.60 -1.03 -26.34
N ALA B 139 11.55 -0.65 -25.60
CA ALA B 139 11.11 -1.40 -24.41
C ALA B 139 10.61 -2.81 -24.72
N LEU B 140 9.92 -2.96 -25.86
CA LEU B 140 9.25 -4.21 -26.20
C LEU B 140 10.10 -5.49 -26.10
N PRO B 141 11.22 -5.57 -26.85
CA PRO B 141 12.04 -6.79 -26.81
C PRO B 141 12.47 -7.22 -25.40
N ALA B 142 12.73 -6.25 -24.53
CA ALA B 142 13.08 -6.56 -23.13
C ALA B 142 11.85 -7.07 -22.38
N LEU B 143 10.70 -6.42 -22.59
CA LEU B 143 9.45 -6.88 -21.99
C LEU B 143 9.13 -8.34 -22.36
N VAL B 144 9.36 -8.70 -23.62
CA VAL B 144 9.09 -10.06 -24.11
C VAL B 144 10.01 -11.13 -23.47
N GLN B 145 11.28 -10.76 -23.25
CA GLN B 145 12.24 -11.64 -22.56
C GLN B 145 11.82 -11.89 -21.11
N LEU B 146 11.33 -10.85 -20.45
CA LEU B 146 10.92 -10.92 -19.05
C LEU B 146 9.70 -11.82 -18.82
N LEU B 147 9.04 -12.22 -19.91
CA LEU B 147 7.91 -13.13 -19.85
C LEU B 147 8.29 -14.58 -19.55
N SER B 148 9.60 -14.86 -19.54
CA SER B 148 10.08 -16.20 -19.26
C SER B 148 11.05 -16.24 -18.08
N SER B 149 10.97 -15.24 -17.19
CA SER B 149 11.82 -15.17 -16.02
C SER B 149 11.23 -16.00 -14.86
N PRO B 150 12.09 -16.48 -13.93
CA PRO B 150 11.59 -17.35 -12.85
C PRO B 150 10.91 -16.56 -11.73
N ASN B 151 11.18 -15.27 -11.64
CA ASN B 151 10.52 -14.39 -10.69
C ASN B 151 9.13 -13.98 -11.22
N GLU B 152 8.10 -14.49 -10.56
CA GLU B 152 6.70 -14.26 -10.94
C GLU B 152 6.21 -12.82 -10.73
N GLN B 153 6.93 -12.06 -9.91
CA GLN B 153 6.62 -10.64 -9.71
C GLN B 153 7.05 -9.82 -10.93
N ILE B 154 8.08 -10.31 -11.62
CA ILE B 154 8.57 -9.70 -12.85
C ILE B 154 7.67 -10.08 -14.02
N LEU B 155 7.32 -11.36 -14.10
CA LEU B 155 6.45 -11.87 -15.15
C LEU B 155 5.11 -11.16 -15.17
N GLN B 156 4.51 -10.98 -13.99
CA GLN B 156 3.21 -10.31 -13.89
C GLN B 156 3.28 -8.85 -14.27
N GLU B 157 4.37 -8.19 -13.89
CA GLU B 157 4.54 -6.77 -14.14
C GLU B 157 4.86 -6.47 -15.61
N ALA B 158 5.66 -7.35 -16.23
CA ALA B 158 5.93 -7.24 -17.67
C ALA B 158 4.65 -7.55 -18.46
N LEU B 159 3.89 -8.53 -17.99
CA LEU B 159 2.59 -8.87 -18.56
C LEU B 159 1.62 -7.69 -18.45
N TRP B 160 1.67 -7.00 -17.32
CA TRP B 160 0.83 -5.84 -17.06
C TRP B 160 1.14 -4.69 -18.02
N ALA B 161 2.43 -4.43 -18.21
CA ALA B 161 2.90 -3.40 -19.13
C ALA B 161 2.47 -3.67 -20.58
N LEU B 162 2.65 -4.92 -21.01
CA LEU B 162 2.29 -5.32 -22.35
C LEU B 162 0.79 -5.30 -22.59
N SER B 163 0.01 -5.57 -21.54
CA SER B 163 -1.46 -5.44 -21.61
C SER B 163 -1.88 -4.00 -21.88
N ASN B 164 -1.17 -3.08 -21.24
CA ASN B 164 -1.39 -1.65 -21.40
C ASN B 164 -0.95 -1.10 -22.74
N ILE B 165 0.20 -1.55 -23.22
CA ILE B 165 0.69 -1.19 -24.53
C ILE B 165 -0.26 -1.70 -25.62
N ALA B 166 -0.86 -2.87 -25.39
CA ALA B 166 -1.80 -3.45 -26.34
C ALA B 166 -3.21 -2.84 -26.27
N SER B 167 -3.40 -1.85 -25.41
CA SER B 167 -4.69 -1.18 -25.27
C SER B 167 -4.73 0.08 -26.12
N GLY B 168 -3.59 0.40 -26.74
CA GLY B 168 -3.51 1.55 -27.64
C GLY B 168 -4.09 1.27 -29.02
N GLY B 169 -3.58 2.00 -30.01
CA GLY B 169 -4.01 1.85 -31.39
C GLY B 169 -3.47 0.58 -32.02
N ASN B 170 -4.02 0.27 -33.20
CA ASN B 170 -3.66 -0.94 -33.95
C ASN B 170 -2.20 -1.00 -34.35
N GLU B 171 -1.63 0.15 -34.71
CA GLU B 171 -0.22 0.24 -35.06
C GLU B 171 0.66 -0.13 -33.87
N GLN B 172 0.18 0.18 -32.67
CA GLN B 172 0.90 -0.10 -31.43
C GLN B 172 0.74 -1.55 -30.98
N ILE B 173 -0.43 -2.13 -31.27
CA ILE B 173 -0.67 -3.54 -31.03
C ILE B 173 0.25 -4.37 -31.92
N GLN B 174 0.33 -4.00 -33.20
CA GLN B 174 1.16 -4.71 -34.17
C GLN B 174 2.63 -4.72 -33.74
N ALA B 175 3.04 -3.65 -33.06
CA ALA B 175 4.40 -3.55 -32.53
C ALA B 175 4.68 -4.64 -31.50
N VAL B 176 3.67 -4.99 -30.71
CA VAL B 176 3.76 -6.06 -29.72
C VAL B 176 3.92 -7.39 -30.44
N ILE B 177 3.07 -7.62 -31.44
CA ILE B 177 3.14 -8.83 -32.28
C ILE B 177 4.51 -8.95 -32.94
N ASP B 178 4.96 -7.85 -33.56
CA ASP B 178 6.25 -7.82 -34.25
C ASP B 178 7.43 -8.14 -33.32
N ALA B 179 7.29 -7.83 -32.03
CA ALA B 179 8.34 -8.10 -31.04
C ALA B 179 8.33 -9.56 -30.57
N GLY B 180 7.26 -10.28 -30.93
CA GLY B 180 7.16 -11.72 -30.65
C GLY B 180 6.55 -12.03 -29.30
N ALA B 181 5.54 -11.27 -28.92
CA ALA B 181 4.88 -11.46 -27.63
C ALA B 181 3.93 -12.65 -27.65
N LEU B 182 3.34 -12.91 -28.82
CA LEU B 182 2.25 -13.87 -28.96
C LEU B 182 2.56 -15.30 -28.47
N PRO B 183 3.72 -15.87 -28.85
CA PRO B 183 3.93 -17.26 -28.39
C PRO B 183 4.05 -17.37 -26.87
N ALA B 184 4.63 -16.36 -26.22
CA ALA B 184 4.77 -16.34 -24.77
C ALA B 184 3.40 -16.26 -24.08
N LEU B 185 2.53 -15.41 -24.61
CA LEU B 185 1.20 -15.20 -24.06
C LEU B 185 0.33 -16.44 -24.21
N VAL B 186 0.46 -17.13 -25.34
CA VAL B 186 -0.27 -18.38 -25.59
C VAL B 186 0.22 -19.46 -24.64
N GLN B 187 1.53 -19.52 -24.43
CA GLN B 187 2.11 -20.43 -23.43
C GLN B 187 1.56 -20.10 -22.04
N LEU B 188 1.39 -18.81 -21.76
CA LEU B 188 0.91 -18.34 -20.46
C LEU B 188 -0.59 -18.51 -20.21
N LEU B 189 -1.33 -18.93 -21.24
CA LEU B 189 -2.75 -19.28 -21.05
C LEU B 189 -2.91 -20.62 -20.29
N SER B 190 -1.79 -21.31 -20.08
N SER B 190 -1.80 -21.32 -20.09
CA SER B 190 -1.78 -22.59 -19.36
CA SER B 190 -1.80 -22.58 -19.35
C SER B 190 -1.00 -22.51 -18.05
C SER B 190 -0.96 -22.51 -18.07
N SER B 191 -0.81 -21.30 -17.53
CA SER B 191 -0.10 -21.10 -16.26
C SER B 191 -0.94 -21.52 -15.05
N PRO B 192 -0.34 -22.28 -14.12
CA PRO B 192 -1.00 -22.71 -12.87
C PRO B 192 -1.37 -21.56 -11.92
N ASN B 193 -1.04 -20.32 -12.32
CA ASN B 193 -1.28 -19.12 -11.53
C ASN B 193 -2.43 -18.32 -12.13
N GLU B 194 -3.61 -18.42 -11.53
CA GLU B 194 -4.86 -17.86 -12.07
C GLU B 194 -4.81 -16.36 -12.39
N GLN B 195 -3.82 -15.67 -11.82
CA GLN B 195 -3.67 -14.24 -12.06
C GLN B 195 -2.69 -13.96 -13.19
N ILE B 196 -1.74 -14.88 -13.42
CA ILE B 196 -0.86 -14.80 -14.58
C ILE B 196 -1.65 -15.12 -15.85
N LEU B 197 -2.33 -16.26 -15.84
CA LEU B 197 -3.18 -16.69 -16.94
C LEU B 197 -4.24 -15.64 -17.28
N GLN B 198 -4.91 -15.10 -16.25
CA GLN B 198 -5.96 -14.10 -16.46
C GLN B 198 -5.42 -12.84 -17.13
N GLU B 199 -4.21 -12.44 -16.75
CA GLU B 199 -3.57 -11.26 -17.34
C GLU B 199 -3.13 -11.53 -18.78
N ALA B 200 -2.71 -12.78 -19.06
CA ALA B 200 -2.36 -13.18 -20.42
C ALA B 200 -3.58 -13.17 -21.33
N LEU B 201 -4.71 -13.57 -20.75
CA LEU B 201 -6.01 -13.51 -21.40
C LEU B 201 -6.40 -12.06 -21.67
N TRP B 202 -6.22 -11.21 -20.67
CA TRP B 202 -6.49 -9.78 -20.83
C TRP B 202 -5.60 -9.17 -21.92
N ALA B 203 -4.34 -9.59 -21.93
CA ALA B 203 -3.35 -9.12 -22.89
C ALA B 203 -3.73 -9.51 -24.32
N LEU B 204 -4.13 -10.76 -24.50
CA LEU B 204 -4.49 -11.26 -25.83
C LEU B 204 -5.81 -10.69 -26.33
N SER B 205 -6.74 -10.42 -25.41
CA SER B 205 -8.02 -9.84 -25.80
C SER B 205 -7.83 -8.38 -26.25
N ASN B 206 -6.88 -7.70 -25.63
CA ASN B 206 -6.47 -6.37 -26.09
C ASN B 206 -5.94 -6.42 -27.52
N ILE B 207 -5.14 -7.45 -27.82
CA ILE B 207 -4.63 -7.67 -29.18
C ILE B 207 -5.73 -8.19 -30.11
N ALA B 208 -6.68 -8.94 -29.54
CA ALA B 208 -7.82 -9.47 -30.28
C ALA B 208 -8.71 -8.35 -30.83
N SER B 209 -8.75 -7.23 -30.14
CA SER B 209 -9.42 -6.03 -30.64
C SER B 209 -8.51 -5.37 -31.67
N GLY B 210 -9.08 -4.51 -32.50
CA GLY B 210 -8.32 -3.93 -33.60
C GLY B 210 -8.45 -4.71 -34.89
N GLY B 211 -7.61 -4.39 -35.85
CA GLY B 211 -7.77 -4.86 -37.23
C GLY B 211 -7.52 -6.34 -37.48
N ASN B 212 -7.84 -6.76 -38.71
CA ASN B 212 -7.69 -8.14 -39.14
C ASN B 212 -6.26 -8.66 -39.06
N GLU B 213 -5.29 -7.83 -39.41
CA GLU B 213 -3.88 -8.22 -39.33
C GLU B 213 -3.55 -8.69 -37.91
N GLN B 214 -4.07 -7.96 -36.93
CA GLN B 214 -3.88 -8.29 -35.52
C GLN B 214 -4.61 -9.60 -35.16
N LYS B 215 -5.87 -9.70 -35.55
CA LYS B 215 -6.69 -10.89 -35.29
C LYS B 215 -6.15 -12.13 -36.00
N GLN B 216 -5.62 -11.92 -37.21
CA GLN B 216 -5.01 -12.98 -38.01
C GLN B 216 -3.74 -13.53 -37.37
N ALA B 217 -2.96 -12.66 -36.74
CA ALA B 217 -1.76 -13.06 -36.04
C ALA B 217 -2.09 -13.86 -34.78
N VAL B 218 -3.17 -13.47 -34.10
CA VAL B 218 -3.64 -14.19 -32.91
C VAL B 218 -4.09 -15.60 -33.27
N LYS B 219 -4.94 -15.71 -34.29
CA LYS B 219 -5.47 -16.99 -34.75
C LYS B 219 -4.38 -17.96 -35.20
N GLU B 220 -3.39 -17.46 -35.94
CA GLU B 220 -2.31 -18.31 -36.43
C GLU B 220 -1.37 -18.74 -35.29
N ALA B 221 -1.33 -17.95 -34.22
CA ALA B 221 -0.51 -18.24 -33.04
C ALA B 221 -1.01 -19.45 -32.24
N GLY B 222 -2.29 -19.80 -32.43
CA GLY B 222 -2.88 -20.96 -31.77
C GLY B 222 -3.59 -20.65 -30.47
N ALA B 223 -4.14 -19.45 -30.39
CA ALA B 223 -4.84 -19.00 -29.20
C ALA B 223 -6.27 -19.56 -29.11
N LEU B 224 -6.94 -19.64 -30.26
CA LEU B 224 -8.32 -20.13 -30.36
C LEU B 224 -8.58 -21.42 -29.59
N GLU B 225 -7.68 -22.39 -29.78
CA GLU B 225 -7.77 -23.71 -29.16
C GLU B 225 -7.77 -23.63 -27.64
N LYS B 226 -6.92 -22.76 -27.09
CA LYS B 226 -6.77 -22.64 -25.65
C LYS B 226 -7.80 -21.68 -25.05
N LEU B 227 -8.24 -20.71 -25.85
CA LEU B 227 -9.34 -19.82 -25.48
C LEU B 227 -10.68 -20.55 -25.44
N GLU B 228 -10.80 -21.58 -26.28
CA GLU B 228 -12.01 -22.40 -26.36
C GLU B 228 -12.19 -23.24 -25.09
N GLN B 229 -11.06 -23.69 -24.53
CA GLN B 229 -11.06 -24.40 -23.25
C GLN B 229 -11.49 -23.49 -22.09
N LEU B 230 -11.04 -22.24 -22.11
CA LEU B 230 -11.31 -21.28 -21.04
C LEU B 230 -12.78 -20.82 -20.97
N GLN B 231 -13.61 -21.37 -21.85
CA GLN B 231 -15.06 -21.24 -21.72
C GLN B 231 -15.57 -22.03 -20.53
N SER B 232 -14.95 -23.19 -20.28
CA SER B 232 -15.36 -24.08 -19.20
C SER B 232 -14.47 -23.93 -17.95
N HIS B 233 -13.81 -22.78 -17.83
CA HIS B 233 -12.99 -22.49 -16.65
C HIS B 233 -13.86 -22.27 -15.42
N GLU B 234 -13.38 -22.75 -14.28
CA GLU B 234 -14.15 -22.71 -13.03
C GLU B 234 -14.46 -21.30 -12.53
N ASN B 235 -13.53 -20.37 -12.75
CA ASN B 235 -13.73 -18.96 -12.44
C ASN B 235 -14.66 -18.32 -13.47
N GLU B 236 -15.74 -17.72 -12.97
CA GLU B 236 -16.78 -17.13 -13.83
C GLU B 236 -16.34 -15.80 -14.44
N LYS B 237 -15.40 -15.12 -13.77
CA LYS B 237 -14.80 -13.88 -14.26
C LYS B 237 -13.94 -14.15 -15.50
N ILE B 238 -13.30 -15.31 -15.53
CA ILE B 238 -12.50 -15.76 -16.67
C ILE B 238 -13.42 -16.31 -17.77
N GLN B 239 -14.48 -17.00 -17.35
CA GLN B 239 -15.48 -17.59 -18.23
C GLN B 239 -16.04 -16.57 -19.24
N LYS B 240 -16.46 -15.41 -18.71
CA LYS B 240 -16.98 -14.31 -19.51
C LYS B 240 -15.89 -13.64 -20.35
N GLU B 241 -14.70 -13.47 -19.76
CA GLU B 241 -13.60 -12.76 -20.42
C GLU B 241 -12.93 -13.57 -21.52
N ALA B 242 -13.09 -14.89 -21.49
CA ALA B 242 -12.61 -15.75 -22.57
C ALA B 242 -13.63 -15.75 -23.73
N GLN B 243 -14.91 -15.73 -23.36
CA GLN B 243 -16.00 -15.65 -24.33
C GLN B 243 -15.96 -14.34 -25.11
N GLU B 244 -15.73 -13.24 -24.39
CA GLU B 244 -15.62 -11.91 -25.01
C GLU B 244 -14.38 -11.82 -25.91
N ALA B 245 -13.29 -12.46 -25.48
CA ALA B 245 -12.07 -12.53 -26.27
C ALA B 245 -12.25 -13.32 -27.56
N LEU B 246 -13.13 -14.31 -27.52
CA LEU B 246 -13.42 -15.15 -28.67
C LEU B 246 -14.36 -14.42 -29.64
N GLU B 247 -15.24 -13.60 -29.08
CA GLU B 247 -16.16 -12.76 -29.84
C GLU B 247 -15.44 -11.57 -30.46
N LYS B 248 -14.38 -11.11 -29.80
CA LYS B 248 -13.51 -10.05 -30.33
C LYS B 248 -12.83 -10.54 -31.61
N LEU B 249 -12.42 -11.80 -31.61
CA LEU B 249 -11.85 -12.44 -32.79
C LEU B 249 -12.93 -12.85 -33.81
N GLN B 250 -14.07 -12.16 -33.72
CA GLN B 250 -15.18 -12.32 -34.67
C GLN B 250 -15.56 -13.78 -34.92
N GLU C 13 15.93 27.40 -2.92
CA GLU C 13 16.77 26.34 -2.32
C GLU C 13 16.87 25.10 -3.22
N LEU C 14 15.77 24.81 -3.94
CA LEU C 14 15.74 23.69 -4.89
C LEU C 14 16.63 23.89 -6.13
N PRO C 15 16.70 25.12 -6.69
CA PRO C 15 17.64 25.41 -7.80
C PRO C 15 19.10 25.10 -7.48
N GLN C 16 19.52 25.32 -6.23
CA GLN C 16 20.83 24.90 -5.75
C GLN C 16 20.94 23.38 -5.77
N MET C 17 19.94 22.70 -5.19
CA MET C 17 19.90 21.24 -5.13
C MET C 17 19.96 20.59 -6.51
N THR C 18 19.34 21.23 -7.49
CA THR C 18 19.37 20.74 -8.87
C THR C 18 20.79 20.81 -9.43
N GLN C 19 21.52 21.89 -9.11
CA GLN C 19 22.91 22.05 -9.52
C GLN C 19 23.84 21.10 -8.78
N GLN C 20 23.48 20.76 -7.53
CA GLN C 20 24.19 19.74 -6.76
C GLN C 20 24.19 18.39 -7.47
N LEU C 21 23.10 18.06 -8.14
CA LEU C 21 23.00 16.82 -8.92
C LEU C 21 24.02 16.74 -10.06
N ASN C 22 24.40 17.89 -10.61
CA ASN C 22 25.44 17.97 -11.65
C ASN C 22 26.83 18.16 -11.03
N SER C 23 27.18 17.33 -10.07
CA SER C 23 28.43 17.48 -9.34
C SER C 23 29.44 16.38 -9.65
N ASP C 24 30.71 16.73 -9.50
CA ASP C 24 31.80 15.79 -9.68
C ASP C 24 32.01 14.97 -8.41
N ASP C 25 31.41 15.42 -7.31
CA ASP C 25 31.49 14.71 -6.04
C ASP C 25 30.23 13.85 -5.89
N MET C 26 30.44 12.54 -5.78
CA MET C 26 29.33 11.58 -5.67
C MET C 26 28.58 11.72 -4.36
N GLN C 27 29.30 12.10 -3.31
CA GLN C 27 28.71 12.34 -2.00
C GLN C 27 27.70 13.48 -2.07
N GLU C 28 28.01 14.50 -2.86
CA GLU C 28 27.12 15.64 -3.07
C GLU C 28 26.03 15.36 -4.10
N GLN C 29 26.31 14.45 -5.03
CA GLN C 29 25.29 13.92 -5.94
C GLN C 29 24.25 13.16 -5.12
N LEU C 30 24.74 12.31 -4.21
CA LEU C 30 23.90 11.45 -3.39
C LEU C 30 23.05 12.25 -2.41
N SER C 31 23.62 13.33 -1.88
CA SER C 31 22.96 14.14 -0.86
C SER C 31 21.69 14.79 -1.41
N ALA C 32 21.78 15.33 -2.63
CA ALA C 32 20.65 16.03 -3.24
C ALA C 32 19.59 15.05 -3.74
N THR C 33 20.02 13.86 -4.14
CA THR C 33 19.10 12.84 -4.61
C THR C 33 18.21 12.34 -3.47
N ARG C 34 18.81 12.01 -2.33
CA ARG C 34 18.07 11.63 -1.13
C ARG C 34 17.05 12.69 -0.73
N LYS C 35 17.49 13.94 -0.70
CA LYS C 35 16.63 15.06 -0.33
C LYS C 35 15.46 15.23 -1.29
N PHE C 36 15.75 15.22 -2.59
CA PHE C 36 14.72 15.28 -3.63
C PHE C 36 13.76 14.10 -3.50
N SER C 37 14.32 12.92 -3.25
CA SER C 37 13.55 11.69 -3.08
C SER C 37 12.59 11.79 -1.90
N GLN C 38 13.08 12.37 -0.79
CA GLN C 38 12.30 12.55 0.42
C GLN C 38 11.17 13.58 0.23
N ILE C 39 11.47 14.67 -0.48
CA ILE C 39 10.45 15.67 -0.79
C ILE C 39 9.30 15.05 -1.60
N LEU C 40 9.66 14.22 -2.58
CA LEU C 40 8.68 13.48 -3.38
C LEU C 40 7.90 12.46 -2.56
N SER C 41 8.58 11.82 -1.62
CA SER C 41 7.97 10.82 -0.77
C SER C 41 7.03 11.45 0.24
N ASP C 42 7.46 12.54 0.87
CA ASP C 42 6.62 13.28 1.82
C ASP C 42 5.35 13.76 1.12
N GLY C 43 5.51 14.24 -0.12
CA GLY C 43 4.42 14.76 -0.94
C GLY C 43 3.31 13.75 -1.19
N ASN C 44 3.68 12.54 -1.60
CA ASN C 44 2.69 11.50 -1.85
C ASN C 44 2.12 10.84 -0.60
N GLU C 45 2.91 10.79 0.47
CA GLU C 45 2.43 10.26 1.75
C GLU C 45 1.34 11.15 2.31
N GLN C 46 1.51 12.46 2.18
CA GLN C 46 0.51 13.43 2.61
C GLN C 46 -0.80 13.26 1.85
N ILE C 47 -0.69 12.97 0.55
CA ILE C 47 -1.88 12.71 -0.27
C ILE C 47 -2.51 11.37 0.13
N GLN C 48 -1.69 10.32 0.15
CA GLN C 48 -2.16 8.97 0.48
C GLN C 48 -2.78 8.89 1.87
N ALA C 49 -2.23 9.67 2.80
CA ALA C 49 -2.75 9.73 4.17
C ALA C 49 -4.19 10.23 4.20
N VAL C 50 -4.50 11.17 3.31
CA VAL C 50 -5.86 11.67 3.11
C VAL C 50 -6.80 10.55 2.66
N ILE C 51 -6.38 9.78 1.65
CA ILE C 51 -7.19 8.67 1.13
C ILE C 51 -7.34 7.56 2.18
N ASP C 52 -6.27 7.28 2.91
CA ASP C 52 -6.28 6.24 3.96
C ASP C 52 -7.20 6.56 5.14
N ALA C 53 -7.48 7.83 5.34
CA ALA C 53 -8.26 8.26 6.51
C ALA C 53 -9.78 8.19 6.30
N GLY C 54 -10.19 7.90 5.06
CA GLY C 54 -11.61 7.76 4.73
C GLY C 54 -12.27 8.98 4.08
N ALA C 55 -11.47 9.96 3.71
CA ALA C 55 -11.96 11.25 3.24
C ALA C 55 -12.83 11.20 1.97
N LEU C 56 -12.40 10.44 0.97
CA LEU C 56 -13.03 10.46 -0.35
C LEU C 56 -14.56 10.33 -0.35
N PRO C 57 -15.11 9.21 0.14
CA PRO C 57 -16.58 9.07 0.14
C PRO C 57 -17.28 10.20 0.91
N ALA C 58 -16.65 10.67 2.00
CA ALA C 58 -17.22 11.75 2.80
C ALA C 58 -17.20 13.09 2.06
N LEU C 59 -16.14 13.31 1.28
CA LEU C 59 -16.07 14.49 0.40
C LEU C 59 -17.10 14.40 -0.73
N VAL C 60 -17.32 13.20 -1.27
CA VAL C 60 -18.34 12.97 -2.32
C VAL C 60 -19.73 13.39 -1.82
N GLN C 61 -20.07 13.02 -0.58
CA GLN C 61 -21.33 13.44 0.02
C GLN C 61 -21.48 14.97 0.03
N LEU C 62 -20.38 15.65 0.33
CA LEU C 62 -20.34 17.10 0.41
C LEU C 62 -20.44 17.79 -0.96
N LEU C 63 -20.32 17.00 -2.02
CA LEU C 63 -20.61 17.47 -3.39
C LEU C 63 -22.10 17.74 -3.62
N SER C 64 -22.95 17.27 -2.70
CA SER C 64 -24.37 17.54 -2.80
C SER C 64 -24.82 18.47 -1.66
N SER C 65 -23.91 19.33 -1.22
CA SER C 65 -24.17 20.33 -0.19
C SER C 65 -24.76 21.61 -0.79
N PRO C 66 -25.68 22.28 -0.06
CA PRO C 66 -26.24 23.54 -0.53
C PRO C 66 -25.28 24.74 -0.41
N ASN C 67 -24.28 24.65 0.46
CA ASN C 67 -23.27 25.71 0.60
C ASN C 67 -22.31 25.69 -0.57
N GLU C 68 -22.19 26.83 -1.26
CA GLU C 68 -21.28 26.94 -2.40
C GLU C 68 -19.83 26.70 -2.01
N GLN C 69 -19.38 27.29 -0.91
CA GLN C 69 -18.01 27.13 -0.41
C GLN C 69 -17.66 25.67 -0.11
N ILE C 70 -18.59 24.94 0.49
CA ILE C 70 -18.34 23.53 0.80
C ILE C 70 -18.19 22.71 -0.49
N LEU C 71 -19.13 22.92 -1.42
CA LEU C 71 -19.13 22.25 -2.72
C LEU C 71 -17.79 22.46 -3.44
N GLN C 72 -17.41 23.71 -3.64
CA GLN C 72 -16.17 24.11 -4.31
C GLN C 72 -14.92 23.45 -3.72
N GLU C 73 -14.79 23.53 -2.41
CA GLU C 73 -13.64 23.02 -1.70
C GLU C 73 -13.51 21.51 -1.86
N ALA C 74 -14.63 20.80 -1.76
CA ALA C 74 -14.67 19.34 -1.88
C ALA C 74 -14.46 18.92 -3.34
N LEU C 75 -14.96 19.74 -4.25
CA LEU C 75 -14.78 19.50 -5.67
C LEU C 75 -13.30 19.63 -6.05
N TRP C 76 -12.68 20.74 -5.68
CA TRP C 76 -11.25 20.97 -5.85
C TRP C 76 -10.41 19.88 -5.19
N ALA C 77 -10.84 19.40 -4.02
CA ALA C 77 -10.15 18.31 -3.32
C ALA C 77 -10.22 17.00 -4.09
N LEU C 78 -11.42 16.58 -4.45
CA LEU C 78 -11.61 15.31 -5.17
C LEU C 78 -10.99 15.34 -6.55
N SER C 79 -11.20 16.46 -7.25
CA SER C 79 -10.60 16.73 -8.55
C SER C 79 -9.06 16.69 -8.46
N ASN C 80 -8.52 17.18 -7.34
CA ASN C 80 -7.09 17.17 -7.10
C ASN C 80 -6.53 15.76 -7.00
N ILE C 81 -7.25 14.89 -6.30
CA ILE C 81 -6.86 13.48 -6.23
C ILE C 81 -7.02 12.81 -7.60
N ALA C 82 -8.06 13.18 -8.34
CA ALA C 82 -8.32 12.60 -9.67
C ALA C 82 -7.21 12.91 -10.68
N SER C 83 -6.38 13.90 -10.38
CA SER C 83 -5.28 14.32 -11.25
C SER C 83 -3.98 13.56 -11.01
N GLY C 84 -4.03 12.53 -10.16
CA GLY C 84 -2.90 11.66 -9.86
C GLY C 84 -2.90 10.41 -10.72
N GLY C 85 -2.33 9.32 -10.20
CA GLY C 85 -2.27 8.05 -10.93
C GLY C 85 -3.61 7.33 -11.07
N ASN C 86 -3.59 6.19 -11.77
CA ASN C 86 -4.80 5.37 -11.96
C ASN C 86 -5.32 4.74 -10.67
N GLU C 87 -4.45 4.61 -9.66
CA GLU C 87 -4.88 4.13 -8.36
C GLU C 87 -5.69 5.18 -7.61
N GLN C 88 -5.24 6.43 -7.69
CA GLN C 88 -5.95 7.55 -7.09
C GLN C 88 -7.29 7.79 -7.79
N ILE C 89 -7.32 7.61 -9.11
CA ILE C 89 -8.55 7.68 -9.88
C ILE C 89 -9.52 6.59 -9.41
N GLN C 90 -9.00 5.38 -9.20
CA GLN C 90 -9.82 4.26 -8.78
C GLN C 90 -10.46 4.54 -7.42
N ALA C 91 -9.67 5.11 -6.52
CA ALA C 91 -10.15 5.52 -5.21
C ALA C 91 -11.31 6.50 -5.34
N VAL C 92 -11.15 7.48 -6.23
CA VAL C 92 -12.19 8.46 -6.51
C VAL C 92 -13.45 7.81 -7.08
N ILE C 93 -13.29 6.91 -8.07
CA ILE C 93 -14.44 6.15 -8.59
C ILE C 93 -15.09 5.33 -7.49
N ASP C 94 -14.27 4.64 -6.71
CA ASP C 94 -14.77 3.73 -5.68
C ASP C 94 -15.38 4.47 -4.48
N ALA C 95 -15.13 5.78 -4.41
CA ALA C 95 -15.75 6.66 -3.41
C ALA C 95 -17.14 7.10 -3.84
N GLY C 96 -17.50 6.79 -5.09
CA GLY C 96 -18.81 7.11 -5.65
C GLY C 96 -18.92 8.48 -6.30
N ALA C 97 -17.78 9.05 -6.69
CA ALA C 97 -17.71 10.42 -7.20
C ALA C 97 -18.41 10.65 -8.54
N LEU C 98 -18.43 9.63 -9.39
CA LEU C 98 -18.90 9.79 -10.77
C LEU C 98 -20.31 10.37 -10.94
N PRO C 99 -21.35 9.74 -10.34
CA PRO C 99 -22.70 10.30 -10.45
C PRO C 99 -22.80 11.74 -9.95
N ALA C 100 -22.10 12.05 -8.85
CA ALA C 100 -22.05 13.41 -8.30
C ALA C 100 -21.37 14.38 -9.26
N LEU C 101 -20.27 13.93 -9.86
CA LEU C 101 -19.59 14.69 -10.89
C LEU C 101 -20.46 14.90 -12.13
N VAL C 102 -21.10 13.83 -12.61
CA VAL C 102 -21.98 13.92 -13.79
C VAL C 102 -23.09 14.94 -13.55
N GLN C 103 -23.66 14.93 -12.34
CA GLN C 103 -24.73 15.85 -11.99
C GLN C 103 -24.28 17.32 -11.95
N LEU C 104 -23.04 17.55 -11.56
CA LEU C 104 -22.49 18.90 -11.47
C LEU C 104 -22.17 19.54 -12.82
N LEU C 105 -22.27 18.76 -13.91
CA LEU C 105 -22.10 19.29 -15.25
C LEU C 105 -23.25 20.21 -15.70
N SER C 106 -24.41 20.03 -15.09
CA SER C 106 -25.57 20.86 -15.40
C SER C 106 -25.71 22.00 -14.39
N SER C 107 -24.58 22.35 -13.75
CA SER C 107 -24.52 23.43 -12.77
C SER C 107 -24.64 24.79 -13.46
N PRO C 108 -25.20 25.80 -12.76
CA PRO C 108 -25.24 27.14 -13.34
C PRO C 108 -23.91 27.86 -13.20
N ASN C 109 -23.16 27.53 -12.14
CA ASN C 109 -21.86 28.14 -11.89
C ASN C 109 -20.81 27.59 -12.85
N GLU C 110 -20.28 28.48 -13.69
CA GLU C 110 -19.29 28.13 -14.69
C GLU C 110 -17.98 27.56 -14.12
N GLN C 111 -17.57 28.05 -12.95
CA GLN C 111 -16.35 27.56 -12.30
C GLN C 111 -16.52 26.10 -11.86
N ILE C 112 -17.67 25.79 -11.26
CA ILE C 112 -17.97 24.43 -10.83
C ILE C 112 -18.02 23.46 -12.00
N LEU C 113 -18.71 23.86 -13.07
CA LEU C 113 -18.86 23.05 -14.27
C LEU C 113 -17.50 22.61 -14.82
N GLN C 114 -16.59 23.56 -14.95
CA GLN C 114 -15.26 23.33 -15.51
C GLN C 114 -14.41 22.38 -14.66
N GLU C 115 -14.49 22.56 -13.34
CA GLU C 115 -13.75 21.73 -12.41
C GLU C 115 -14.27 20.29 -12.45
N ALA C 116 -15.59 20.14 -12.37
CA ALA C 116 -16.26 18.84 -12.49
C ALA C 116 -15.97 18.21 -13.85
N LEU C 117 -15.84 19.04 -14.88
CA LEU C 117 -15.51 18.59 -16.22
C LEU C 117 -14.08 18.09 -16.29
N TRP C 118 -13.15 18.90 -15.75
CA TRP C 118 -11.72 18.57 -15.74
C TRP C 118 -11.50 17.25 -15.01
N ALA C 119 -12.17 17.10 -13.86
CA ALA C 119 -12.12 15.87 -13.07
C ALA C 119 -12.57 14.65 -13.87
N LEU C 120 -13.70 14.81 -14.58
CA LEU C 120 -14.25 13.74 -15.42
C LEU C 120 -13.31 13.33 -16.55
N SER C 121 -12.69 14.31 -17.20
CA SER C 121 -11.67 14.05 -18.22
C SER C 121 -10.55 13.21 -17.64
N ASN C 122 -10.02 13.66 -16.51
CA ASN C 122 -8.95 12.97 -15.81
C ASN C 122 -9.29 11.54 -15.43
N ILE C 123 -10.53 11.31 -15.00
CA ILE C 123 -10.99 9.96 -14.70
C ILE C 123 -11.06 9.15 -16.00
N ALA C 124 -11.53 9.77 -17.08
CA ALA C 124 -11.68 9.12 -18.37
C ALA C 124 -10.33 8.91 -19.10
N SER C 125 -9.24 9.42 -18.51
CA SER C 125 -7.90 9.22 -19.05
C SER C 125 -7.21 8.04 -18.36
N GLY C 126 -7.94 7.39 -17.44
CA GLY C 126 -7.49 6.16 -16.83
C GLY C 126 -7.61 5.00 -17.79
N GLY C 127 -7.59 3.78 -17.27
CA GLY C 127 -7.73 2.58 -18.08
C GLY C 127 -9.15 2.39 -18.58
N ASN C 128 -9.33 1.40 -19.46
CA ASN C 128 -10.60 1.15 -20.12
C ASN C 128 -11.78 0.92 -19.16
N GLU C 129 -11.50 0.20 -18.08
CA GLU C 129 -12.50 -0.05 -17.05
C GLU C 129 -13.00 1.26 -16.45
N GLN C 130 -12.09 2.21 -16.31
CA GLN C 130 -12.40 3.52 -15.74
C GLN C 130 -13.13 4.41 -16.76
N ILE C 131 -12.86 4.21 -18.04
CA ILE C 131 -13.69 4.78 -19.09
C ILE C 131 -15.12 4.23 -19.00
N GLN C 132 -15.23 2.93 -18.75
CA GLN C 132 -16.53 2.26 -18.61
C GLN C 132 -17.30 2.78 -17.40
N ALA C 133 -16.58 3.07 -16.32
CA ALA C 133 -17.21 3.66 -15.14
C ALA C 133 -17.79 5.04 -15.44
N VAL C 134 -17.13 5.80 -16.31
CA VAL C 134 -17.62 7.12 -16.74
C VAL C 134 -18.86 7.01 -17.63
N ILE C 135 -18.88 5.98 -18.47
CA ILE C 135 -20.04 5.71 -19.32
C ILE C 135 -21.26 5.27 -18.51
N ASP C 136 -21.05 4.30 -17.62
CA ASP C 136 -22.12 3.79 -16.76
C ASP C 136 -22.68 4.87 -15.84
N ALA C 137 -21.88 5.91 -15.59
CA ALA C 137 -22.32 7.04 -14.77
C ALA C 137 -23.28 7.95 -15.55
N GLY C 138 -23.32 7.78 -16.87
CA GLY C 138 -24.21 8.54 -17.73
C GLY C 138 -23.62 9.87 -18.15
N ALA C 139 -22.29 9.94 -18.23
CA ALA C 139 -21.63 11.19 -18.57
C ALA C 139 -21.79 11.59 -20.03
N LEU C 140 -21.87 10.60 -20.91
CA LEU C 140 -21.92 10.85 -22.36
C LEU C 140 -22.95 11.91 -22.81
N PRO C 141 -24.25 11.73 -22.48
CA PRO C 141 -25.21 12.72 -22.97
C PRO C 141 -24.86 14.16 -22.59
N ALA C 142 -24.34 14.34 -21.37
CA ALA C 142 -23.97 15.66 -20.87
C ALA C 142 -22.76 16.18 -21.62
N LEU C 143 -21.82 15.29 -21.92
CA LEU C 143 -20.64 15.64 -22.71
C LEU C 143 -20.98 16.04 -24.15
N VAL C 144 -21.95 15.35 -24.75
CA VAL C 144 -22.37 15.67 -26.12
C VAL C 144 -23.09 17.02 -26.15
N GLN C 145 -23.81 17.34 -25.07
CA GLN C 145 -24.56 18.60 -25.00
C GLN C 145 -23.65 19.77 -24.67
N LEU C 146 -22.51 19.49 -24.05
CA LEU C 146 -21.54 20.55 -23.78
C LEU C 146 -20.75 20.95 -25.03
N LEU C 147 -20.90 20.19 -26.11
CA LEU C 147 -20.18 20.45 -27.36
C LEU C 147 -20.69 21.68 -28.13
N SER C 148 -21.88 22.14 -27.77
CA SER C 148 -22.43 23.37 -28.33
C SER C 148 -22.41 24.53 -27.33
N SER C 149 -21.60 24.41 -26.28
CA SER C 149 -21.40 25.51 -25.31
C SER C 149 -20.84 26.78 -25.96
N PRO C 150 -21.37 27.95 -25.58
CA PRO C 150 -20.78 29.22 -26.06
C PRO C 150 -19.34 29.38 -25.57
N ASN C 151 -19.07 28.90 -24.35
CA ASN C 151 -17.78 28.98 -23.70
C ASN C 151 -16.75 28.03 -24.31
N GLU C 152 -15.80 28.57 -25.06
CA GLU C 152 -14.81 27.75 -25.76
C GLU C 152 -13.96 26.85 -24.85
N GLN C 153 -13.68 27.31 -23.62
CA GLN C 153 -12.96 26.49 -22.64
C GLN C 153 -13.70 25.20 -22.30
N ILE C 154 -14.97 25.34 -21.90
CA ILE C 154 -15.85 24.19 -21.61
C ILE C 154 -15.92 23.23 -22.81
N LEU C 155 -16.26 23.76 -23.97
CA LEU C 155 -16.38 22.99 -25.21
C LEU C 155 -15.13 22.14 -25.45
N GLN C 156 -13.97 22.77 -25.33
CA GLN C 156 -12.70 22.15 -25.66
C GLN C 156 -12.32 21.04 -24.68
N GLU C 157 -12.76 21.17 -23.42
CA GLU C 157 -12.50 20.16 -22.41
C GLU C 157 -13.46 18.98 -22.58
N ALA C 158 -14.70 19.27 -22.98
CA ALA C 158 -15.67 18.24 -23.35
C ALA C 158 -15.22 17.42 -24.56
N LEU C 159 -14.66 18.10 -25.56
CA LEU C 159 -14.06 17.43 -26.71
C LEU C 159 -12.96 16.48 -26.27
N TRP C 160 -12.11 16.96 -25.36
CA TRP C 160 -10.96 16.22 -24.86
C TRP C 160 -11.41 14.96 -24.11
N ALA C 161 -12.41 15.11 -23.26
CA ALA C 161 -12.98 13.99 -22.51
C ALA C 161 -13.57 12.95 -23.45
N LEU C 162 -14.24 13.39 -24.51
CA LEU C 162 -14.79 12.47 -25.49
C LEU C 162 -13.71 11.76 -26.32
N SER C 163 -12.62 12.47 -26.63
CA SER C 163 -11.47 11.85 -27.30
C SER C 163 -10.88 10.71 -26.48
N ASN C 164 -10.75 10.91 -25.17
CA ASN C 164 -10.27 9.87 -24.27
C ASN C 164 -11.21 8.68 -24.15
N ILE C 165 -12.50 8.94 -24.02
CA ILE C 165 -13.49 7.87 -24.03
C ILE C 165 -13.40 7.09 -25.35
N ALA C 166 -13.35 7.79 -26.48
CA ALA C 166 -13.27 7.15 -27.79
C ALA C 166 -11.96 6.40 -28.03
N SER C 167 -11.04 6.48 -27.07
CA SER C 167 -9.76 5.78 -27.18
C SER C 167 -9.81 4.40 -26.51
N GLY C 168 -10.96 4.08 -25.91
CA GLY C 168 -11.19 2.76 -25.34
C GLY C 168 -11.58 1.75 -26.39
N GLY C 169 -12.07 0.60 -25.95
CA GLY C 169 -12.53 -0.47 -26.85
C GLY C 169 -13.73 -0.08 -27.68
N ASN C 170 -14.11 -0.96 -28.61
CA ASN C 170 -15.16 -0.67 -29.58
C ASN C 170 -16.56 -0.45 -29.00
N GLU C 171 -16.88 -1.17 -27.91
CA GLU C 171 -18.16 -0.98 -27.21
C GLU C 171 -18.27 0.40 -26.59
N GLN C 172 -17.12 0.96 -26.25
CA GLN C 172 -17.04 2.29 -25.66
C GLN C 172 -17.07 3.38 -26.74
N ILE C 173 -16.43 3.09 -27.89
CA ILE C 173 -16.53 3.95 -29.06
C ILE C 173 -17.98 3.99 -29.53
N GLN C 174 -18.60 2.81 -29.59
CA GLN C 174 -19.99 2.68 -29.98
C GLN C 174 -20.91 3.47 -29.04
N ALA C 175 -20.55 3.51 -27.77
CA ALA C 175 -21.30 4.26 -26.76
C ALA C 175 -21.27 5.75 -27.07
N VAL C 176 -20.10 6.26 -27.44
CA VAL C 176 -19.94 7.65 -27.88
C VAL C 176 -20.85 7.95 -29.07
N ILE C 177 -20.78 7.06 -30.07
CA ILE C 177 -21.64 7.13 -31.27
C ILE C 177 -23.12 7.13 -30.88
N ASP C 178 -23.51 6.19 -30.03
CA ASP C 178 -24.91 6.02 -29.61
C ASP C 178 -25.48 7.25 -28.90
N ALA C 179 -24.63 7.97 -28.17
CA ALA C 179 -25.04 9.21 -27.51
C ALA C 179 -25.24 10.35 -28.51
N GLY C 180 -24.85 10.12 -29.77
CA GLY C 180 -25.08 11.06 -30.86
C GLY C 180 -24.02 12.14 -31.05
N ALA C 181 -22.76 11.80 -30.79
CA ALA C 181 -21.67 12.78 -30.83
C ALA C 181 -21.17 13.09 -32.24
N LEU C 182 -21.41 12.17 -33.16
CA LEU C 182 -20.88 12.29 -34.53
C LEU C 182 -21.25 13.58 -35.27
N PRO C 183 -22.56 13.94 -35.32
CA PRO C 183 -22.90 15.19 -36.02
C PRO C 183 -22.22 16.41 -35.43
N ALA C 184 -22.11 16.46 -34.10
CA ALA C 184 -21.45 17.57 -33.42
C ALA C 184 -19.95 17.63 -33.76
N LEU C 185 -19.28 16.47 -33.73
CA LEU C 185 -17.84 16.38 -34.01
C LEU C 185 -17.50 16.75 -35.46
N VAL C 186 -18.33 16.27 -36.39
CA VAL C 186 -18.20 16.57 -37.81
C VAL C 186 -18.35 18.08 -38.04
N GLN C 187 -19.37 18.67 -37.43
CA GLN C 187 -19.59 20.12 -37.50
C GLN C 187 -18.39 20.89 -36.94
N LEU C 188 -17.76 20.34 -35.91
CA LEU C 188 -16.59 20.99 -35.29
C LEU C 188 -15.32 20.92 -36.14
N LEU C 189 -15.34 20.10 -37.19
CA LEU C 189 -14.23 20.01 -38.15
C LEU C 189 -14.06 21.26 -39.01
N SER C 190 -15.05 22.16 -38.99
CA SER C 190 -14.90 23.46 -39.65
C SER C 190 -14.96 24.63 -38.65
N SER C 191 -14.52 24.37 -37.42
CA SER C 191 -14.38 25.42 -36.43
C SER C 191 -13.23 26.34 -36.83
N PRO C 192 -13.43 27.66 -36.69
CA PRO C 192 -12.36 28.65 -36.91
C PRO C 192 -11.19 28.44 -35.94
N ASN C 193 -11.52 27.93 -34.76
CA ASN C 193 -10.54 27.65 -33.71
C ASN C 193 -9.73 26.39 -34.05
N GLU C 194 -8.45 26.59 -34.33
CA GLU C 194 -7.59 25.52 -34.84
C GLU C 194 -7.47 24.37 -33.84
N GLN C 195 -7.42 24.70 -32.55
CA GLN C 195 -7.29 23.73 -31.49
C GLN C 195 -8.54 22.85 -31.38
N ILE C 196 -9.71 23.48 -31.57
CA ILE C 196 -10.99 22.77 -31.55
C ILE C 196 -11.12 21.82 -32.74
N LEU C 197 -10.76 22.31 -33.93
CA LEU C 197 -10.79 21.50 -35.14
C LEU C 197 -9.88 20.28 -34.99
N GLN C 198 -8.70 20.50 -34.43
CA GLN C 198 -7.72 19.45 -34.24
C GLN C 198 -8.21 18.38 -33.25
N GLU C 199 -8.91 18.81 -32.22
CA GLU C 199 -9.42 17.91 -31.17
C GLU C 199 -10.61 17.08 -31.66
N ALA C 200 -11.48 17.70 -32.46
CA ALA C 200 -12.59 17.01 -33.11
C ALA C 200 -12.05 15.95 -34.07
N LEU C 201 -11.06 16.33 -34.87
CA LEU C 201 -10.37 15.42 -35.76
C LEU C 201 -9.87 14.22 -34.97
N TRP C 202 -9.23 14.50 -33.84
CA TRP C 202 -8.63 13.50 -32.98
C TRP C 202 -9.66 12.50 -32.47
N ALA C 203 -10.74 13.02 -31.87
CA ALA C 203 -11.83 12.17 -31.38
C ALA C 203 -12.35 11.25 -32.49
N LEU C 204 -12.61 11.84 -33.66
CA LEU C 204 -13.11 11.12 -34.82
C LEU C 204 -12.11 10.09 -35.32
N SER C 205 -10.82 10.40 -35.18
CA SER C 205 -9.77 9.46 -35.54
C SER C 205 -9.75 8.27 -34.59
N ASN C 206 -9.98 8.54 -33.30
CA ASN C 206 -10.09 7.49 -32.30
C ASN C 206 -11.29 6.60 -32.56
N ILE C 207 -12.39 7.21 -32.99
CA ILE C 207 -13.58 6.46 -33.36
C ILE C 207 -13.34 5.69 -34.67
N ALA C 208 -12.50 6.25 -35.53
CA ALA C 208 -12.14 5.62 -36.81
C ALA C 208 -11.42 4.30 -36.61
N SER C 209 -10.73 4.15 -35.48
CA SER C 209 -10.15 2.87 -35.11
C SER C 209 -11.24 1.94 -34.60
N GLY C 210 -10.98 0.64 -34.60
CA GLY C 210 -12.01 -0.32 -34.25
C GLY C 210 -12.70 -0.93 -35.46
N GLY C 211 -13.98 -1.25 -35.32
CA GLY C 211 -14.66 -2.11 -36.28
C GLY C 211 -15.62 -1.46 -37.26
N ASN C 212 -16.11 -2.28 -38.18
CA ASN C 212 -17.00 -1.86 -39.28
C ASN C 212 -18.18 -1.01 -38.85
N GLU C 213 -18.92 -1.48 -37.84
CA GLU C 213 -20.09 -0.75 -37.32
C GLU C 213 -19.73 0.68 -36.96
N GLN C 214 -18.56 0.86 -36.34
CA GLN C 214 -18.05 2.17 -35.97
C GLN C 214 -17.65 2.98 -37.19
N LYS C 215 -16.91 2.35 -38.10
CA LYS C 215 -16.41 3.02 -39.30
C LYS C 215 -17.54 3.54 -40.19
N GLN C 216 -18.52 2.70 -40.49
CA GLN C 216 -19.62 3.12 -41.36
C GLN C 216 -20.50 4.22 -40.75
N ALA C 217 -20.61 4.24 -39.43
CA ALA C 217 -21.32 5.32 -38.72
C ALA C 217 -20.65 6.67 -38.91
N VAL C 218 -19.31 6.67 -38.95
CA VAL C 218 -18.52 7.88 -39.20
C VAL C 218 -18.75 8.39 -40.62
N LYS C 219 -18.57 7.50 -41.59
CA LYS C 219 -18.85 7.77 -43.00
C LYS C 219 -20.26 8.29 -43.20
N GLU C 220 -21.19 7.73 -42.43
CA GLU C 220 -22.61 8.07 -42.48
C GLU C 220 -22.88 9.47 -41.95
N ALA C 221 -22.00 9.95 -41.06
CA ALA C 221 -22.14 11.29 -40.48
C ALA C 221 -21.67 12.39 -41.42
N GLY C 222 -21.01 11.99 -42.51
CA GLY C 222 -20.55 12.92 -43.53
C GLY C 222 -19.16 13.46 -43.26
N ALA C 223 -18.30 12.61 -42.70
CA ALA C 223 -16.95 13.02 -42.30
C ALA C 223 -15.90 12.81 -43.39
N LEU C 224 -16.14 11.86 -44.28
CA LEU C 224 -15.20 11.56 -45.37
C LEU C 224 -14.84 12.80 -46.17
N GLU C 225 -15.85 13.59 -46.55
CA GLU C 225 -15.66 14.80 -47.36
C GLU C 225 -14.84 15.88 -46.65
N LYS C 226 -15.17 16.15 -45.39
CA LYS C 226 -14.43 17.11 -44.57
C LYS C 226 -13.01 16.61 -44.26
N LEU C 227 -12.85 15.30 -44.09
CA LEU C 227 -11.54 14.72 -43.86
C LEU C 227 -10.66 14.78 -45.10
N GLU C 228 -11.27 14.58 -46.28
CA GLU C 228 -10.55 14.67 -47.56
C GLU C 228 -10.07 16.10 -47.81
N GLN C 229 -10.86 17.08 -47.38
CA GLN C 229 -10.51 18.49 -47.50
C GLN C 229 -9.33 18.84 -46.57
N LEU C 230 -9.35 18.26 -45.36
CA LEU C 230 -8.38 18.61 -44.32
C LEU C 230 -6.97 18.09 -44.55
N GLN C 231 -6.77 17.26 -45.57
CA GLN C 231 -5.43 16.77 -45.90
C GLN C 231 -4.67 17.73 -46.85
N SER C 232 -5.27 18.88 -47.10
CA SER C 232 -4.62 19.98 -47.80
C SER C 232 -4.52 21.21 -46.88
N HIS C 233 -4.86 21.01 -45.61
CA HIS C 233 -4.77 22.06 -44.58
C HIS C 233 -3.34 22.60 -44.46
N GLU C 234 -3.23 23.90 -44.21
CA GLU C 234 -1.93 24.59 -44.14
C GLU C 234 -1.02 24.08 -43.02
N ASN C 235 -1.65 23.58 -41.95
CA ASN C 235 -0.93 23.03 -40.80
C ASN C 235 -0.52 21.57 -41.02
N GLU C 236 0.79 21.35 -41.05
CA GLU C 236 1.37 20.02 -40.89
C GLU C 236 1.76 19.90 -39.40
N LYS C 237 1.28 18.86 -38.71
CA LYS C 237 0.61 17.72 -39.32
C LYS C 237 -0.85 17.51 -38.90
N ILE C 238 -1.68 18.53 -39.11
CA ILE C 238 -3.14 18.32 -39.16
C ILE C 238 -3.40 17.56 -40.47
N GLN C 239 -2.58 17.89 -41.46
CA GLN C 239 -2.56 17.24 -42.75
C GLN C 239 -2.27 15.73 -42.63
N LYS C 240 -1.26 15.38 -41.84
CA LYS C 240 -0.92 13.97 -41.59
C LYS C 240 -1.98 13.26 -40.75
N GLU C 241 -2.62 14.00 -39.85
CA GLU C 241 -3.65 13.44 -38.97
C GLU C 241 -4.96 13.17 -39.72
N ALA C 242 -5.16 13.86 -40.84
CA ALA C 242 -6.34 13.69 -41.68
C ALA C 242 -6.19 12.50 -42.63
N GLN C 243 -4.96 12.27 -43.10
CA GLN C 243 -4.64 11.12 -43.94
C GLN C 243 -4.75 9.82 -43.14
N GLU C 244 -4.32 9.86 -41.88
CA GLU C 244 -4.40 8.71 -40.98
C GLU C 244 -5.86 8.34 -40.66
N ALA C 245 -6.69 9.34 -40.40
CA ALA C 245 -8.11 9.12 -40.14
C ALA C 245 -8.81 8.48 -41.34
N LEU C 246 -8.53 9.00 -42.54
CA LEU C 246 -9.05 8.41 -43.78
C LEU C 246 -8.46 7.02 -44.04
N GLU C 247 -7.19 6.85 -43.67
CA GLU C 247 -6.50 5.57 -43.79
C GLU C 247 -7.13 4.51 -42.89
N LYS C 248 -7.61 4.95 -41.73
CA LYS C 248 -8.31 4.06 -40.80
C LYS C 248 -9.67 3.65 -41.35
N LEU C 249 -10.34 4.57 -42.03
CA LEU C 249 -11.63 4.29 -42.65
C LEU C 249 -11.51 3.48 -43.95
N GLN C 250 -10.42 2.72 -44.06
CA GLN C 250 -10.17 1.86 -45.21
C GLN C 250 -9.32 0.65 -44.80
N HIS D 5 -10.17 -25.25 14.46
CA HIS D 5 -9.47 -26.44 13.93
C HIS D 5 -10.04 -26.86 12.57
N HIS D 6 -9.14 -27.26 11.66
CA HIS D 6 -9.54 -27.78 10.35
C HIS D 6 -8.43 -28.61 9.71
N HIS D 7 -8.80 -29.47 8.77
CA HIS D 7 -7.85 -30.25 8.01
C HIS D 7 -7.46 -29.54 6.70
N HIS D 8 -6.22 -29.73 6.28
CA HIS D 8 -5.78 -29.29 4.96
C HIS D 8 -6.17 -30.38 3.96
N HIS D 9 -6.51 -29.98 2.74
CA HIS D 9 -6.96 -30.95 1.72
C HIS D 9 -5.92 -32.04 1.44
N HIS D 10 -6.40 -33.22 1.05
CA HIS D 10 -5.54 -34.37 0.82
C HIS D 10 -4.50 -34.15 -0.27
N GLY D 11 -4.79 -33.25 -1.21
CA GLY D 11 -3.87 -32.98 -2.33
C GLY D 11 -2.75 -32.01 -2.01
N SER D 12 -2.73 -31.52 -0.77
CA SER D 12 -1.74 -30.54 -0.32
C SER D 12 -0.32 -30.98 -0.60
N GLU D 13 0.46 -30.08 -1.17
CA GLU D 13 1.86 -30.35 -1.51
C GLU D 13 2.80 -30.13 -0.33
N LEU D 14 2.31 -29.47 0.71
CA LEU D 14 3.13 -29.04 1.86
C LEU D 14 3.92 -30.16 2.55
N PRO D 15 3.27 -31.30 2.87
CA PRO D 15 4.05 -32.40 3.46
C PRO D 15 5.26 -32.86 2.64
N GLN D 16 5.09 -33.03 1.33
CA GLN D 16 6.21 -33.46 0.48
C GLN D 16 7.28 -32.36 0.35
N MET D 17 6.86 -31.11 0.49
CA MET D 17 7.79 -29.98 0.46
C MET D 17 8.61 -29.91 1.75
N THR D 18 7.96 -30.15 2.88
CA THR D 18 8.61 -30.16 4.18
C THR D 18 9.68 -31.25 4.20
N GLN D 19 9.32 -32.43 3.69
CA GLN D 19 10.27 -33.54 3.59
C GLN D 19 11.43 -33.21 2.64
N GLN D 20 11.15 -32.37 1.64
CA GLN D 20 12.19 -31.89 0.72
C GLN D 20 13.15 -30.91 1.39
N LEU D 21 12.66 -30.16 2.37
CA LEU D 21 13.51 -29.29 3.19
C LEU D 21 14.50 -30.07 4.05
N ASN D 22 14.05 -31.21 4.59
CA ASN D 22 14.85 -32.04 5.49
C ASN D 22 15.70 -33.08 4.78
N SER D 23 15.60 -33.14 3.45
CA SER D 23 16.38 -34.08 2.65
C SER D 23 17.85 -33.68 2.57
N ASP D 24 18.68 -34.61 2.10
CA ASP D 24 20.11 -34.35 1.86
C ASP D 24 20.37 -33.70 0.51
N ASP D 25 19.36 -33.72 -0.36
CA ASP D 25 19.49 -33.22 -1.72
C ASP D 25 19.21 -31.72 -1.83
N MET D 26 20.26 -30.95 -2.14
CA MET D 26 20.18 -29.49 -2.24
C MET D 26 19.19 -28.97 -3.28
N GLN D 27 19.02 -29.69 -4.38
CA GLN D 27 18.05 -29.29 -5.40
C GLN D 27 16.62 -29.36 -4.88
N GLU D 28 16.32 -30.41 -4.11
CA GLU D 28 15.00 -30.59 -3.51
C GLU D 28 14.78 -29.61 -2.36
N GLN D 29 15.86 -29.31 -1.64
CA GLN D 29 15.89 -28.25 -0.62
C GLN D 29 15.54 -26.89 -1.20
N LEU D 30 16.10 -26.60 -2.39
CA LEU D 30 15.98 -25.29 -3.00
C LEU D 30 14.62 -25.12 -3.68
N SER D 31 14.12 -26.19 -4.27
CA SER D 31 12.80 -26.21 -4.90
C SER D 31 11.70 -26.04 -3.86
N ALA D 32 11.92 -26.60 -2.66
CA ALA D 32 10.97 -26.50 -1.57
C ALA D 32 10.94 -25.12 -0.91
N THR D 33 12.11 -24.50 -0.72
CA THR D 33 12.18 -23.16 -0.13
C THR D 33 11.53 -22.11 -1.03
N ARG D 34 11.83 -22.20 -2.33
CA ARG D 34 11.23 -21.31 -3.31
C ARG D 34 9.70 -21.44 -3.33
N LYS D 35 9.22 -22.66 -3.21
CA LYS D 35 7.78 -22.91 -3.18
C LYS D 35 7.12 -22.39 -1.89
N PHE D 36 7.79 -22.58 -0.74
CA PHE D 36 7.28 -22.04 0.53
C PHE D 36 7.24 -20.51 0.51
N SER D 37 8.31 -19.91 0.01
CA SER D 37 8.40 -18.46 -0.14
C SER D 37 7.27 -17.94 -1.02
N GLN D 38 7.04 -18.63 -2.14
CA GLN D 38 5.97 -18.29 -3.07
C GLN D 38 4.61 -18.24 -2.35
N ILE D 39 4.26 -19.34 -1.67
CA ILE D 39 3.03 -19.42 -0.90
C ILE D 39 2.88 -18.28 0.12
N LEU D 40 3.97 -17.94 0.82
CA LEU D 40 3.94 -16.88 1.84
C LEU D 40 3.81 -15.52 1.19
N SER D 41 4.54 -15.32 0.10
CA SER D 41 4.43 -14.10 -0.70
C SER D 41 3.00 -13.91 -1.20
N ASP D 42 2.34 -14.98 -1.61
CA ASP D 42 0.96 -14.93 -2.13
C ASP D 42 -0.07 -14.52 -1.08
N GLY D 43 0.02 -15.13 0.09
CA GLY D 43 -0.94 -14.89 1.17
C GLY D 43 -0.85 -13.47 1.67
N ASN D 44 0.39 -13.01 1.83
CA ASN D 44 0.65 -11.65 2.27
C ASN D 44 0.28 -10.59 1.23
N GLU D 45 0.26 -10.98 -0.03
CA GLU D 45 -0.16 -10.05 -1.09
C GLU D 45 -1.69 -10.04 -1.30
N GLN D 46 -2.35 -11.09 -0.85
CA GLN D 46 -3.81 -11.12 -0.81
C GLN D 46 -4.33 -10.15 0.25
N ILE D 47 -3.68 -10.17 1.41
CA ILE D 47 -4.03 -9.32 2.53
C ILE D 47 -3.72 -7.86 2.21
N GLN D 48 -2.59 -7.60 1.55
CA GLN D 48 -2.22 -6.23 1.18
C GLN D 48 -3.09 -5.65 0.08
N ALA D 49 -3.50 -6.47 -0.87
CA ALA D 49 -4.41 -6.06 -1.95
C ALA D 49 -5.74 -5.52 -1.41
N VAL D 50 -6.22 -6.09 -0.29
CA VAL D 50 -7.45 -5.63 0.35
C VAL D 50 -7.25 -4.24 0.95
N ILE D 51 -6.05 -3.99 1.48
CA ILE D 51 -5.69 -2.70 2.04
C ILE D 51 -5.43 -1.67 0.93
N ASP D 52 -4.66 -2.05 -0.09
CA ASP D 52 -4.33 -1.16 -1.21
C ASP D 52 -5.58 -0.75 -1.99
N ALA D 53 -6.62 -1.55 -1.91
CA ALA D 53 -7.88 -1.29 -2.60
C ALA D 53 -8.83 -0.40 -1.80
N GLY D 54 -8.36 0.15 -0.69
CA GLY D 54 -9.15 1.09 0.11
C GLY D 54 -10.34 0.55 0.88
N ALA D 55 -10.32 -0.74 1.20
CA ALA D 55 -11.43 -1.36 1.95
C ALA D 55 -11.60 -0.85 3.38
N LEU D 56 -10.50 -0.67 4.09
CA LEU D 56 -10.54 -0.40 5.54
C LEU D 56 -11.41 0.79 5.99
N PRO D 57 -11.24 1.98 5.38
CA PRO D 57 -12.09 3.11 5.80
C PRO D 57 -13.57 2.81 5.57
N ALA D 58 -13.85 2.07 4.50
CA ALA D 58 -15.21 1.64 4.17
C ALA D 58 -15.74 0.60 5.15
N LEU D 59 -14.87 -0.31 5.61
CA LEU D 59 -15.28 -1.28 6.63
C LEU D 59 -15.55 -0.56 7.96
N VAL D 60 -14.69 0.40 8.30
CA VAL D 60 -14.88 1.22 9.49
C VAL D 60 -16.23 1.93 9.49
N GLN D 61 -16.61 2.49 8.34
CA GLN D 61 -17.92 3.12 8.16
C GLN D 61 -19.09 2.14 8.39
N LEU D 62 -18.86 0.86 8.08
CA LEU D 62 -19.88 -0.16 8.25
C LEU D 62 -19.95 -0.68 9.70
N LEU D 63 -19.11 -0.12 10.57
CA LEU D 63 -19.18 -0.41 12.00
C LEU D 63 -20.38 0.29 12.64
N SER D 64 -20.91 1.31 11.97
CA SER D 64 -22.10 1.99 12.47
C SER D 64 -23.34 1.62 11.66
N SER D 65 -23.30 0.45 11.04
CA SER D 65 -24.42 -0.05 10.24
C SER D 65 -25.58 -0.51 11.13
N PRO D 66 -26.82 -0.23 10.73
CA PRO D 66 -27.97 -0.71 11.48
C PRO D 66 -28.17 -2.22 11.35
N ASN D 67 -27.53 -2.84 10.36
CA ASN D 67 -27.66 -4.27 10.09
C ASN D 67 -26.64 -5.10 10.88
N GLU D 68 -27.14 -6.18 11.47
CA GLU D 68 -26.41 -7.02 12.42
C GLU D 68 -25.28 -7.82 11.76
N GLN D 69 -25.57 -8.43 10.62
CA GLN D 69 -24.61 -9.25 9.88
C GLN D 69 -23.46 -8.40 9.34
N ILE D 70 -23.82 -7.31 8.66
CA ILE D 70 -22.86 -6.39 8.05
C ILE D 70 -21.85 -5.84 9.07
N LEU D 71 -22.35 -5.24 10.14
CA LEU D 71 -21.53 -4.73 11.24
C LEU D 71 -20.55 -5.80 11.73
N GLN D 72 -21.11 -6.98 12.01
CA GLN D 72 -20.38 -8.15 12.50
C GLN D 72 -19.32 -8.67 11.52
N GLU D 73 -19.65 -8.66 10.24
CA GLU D 73 -18.77 -9.16 9.20
C GLU D 73 -17.60 -8.19 8.94
N ALA D 74 -17.89 -6.91 9.05
CA ALA D 74 -16.89 -5.87 8.84
C ALA D 74 -15.93 -5.86 10.01
N LEU D 75 -16.48 -6.04 11.22
CA LEU D 75 -15.70 -6.08 12.44
C LEU D 75 -14.72 -7.26 12.44
N TRP D 76 -15.14 -8.39 11.90
CA TRP D 76 -14.26 -9.54 11.81
C TRP D 76 -13.10 -9.29 10.84
N ALA D 77 -13.41 -8.69 9.69
CA ALA D 77 -12.40 -8.34 8.68
C ALA D 77 -11.37 -7.36 9.26
N LEU D 78 -11.86 -6.35 9.97
CA LEU D 78 -11.02 -5.35 10.61
C LEU D 78 -10.17 -5.99 11.70
N SER D 79 -10.81 -6.88 12.46
CA SER D 79 -10.13 -7.60 13.54
C SER D 79 -9.03 -8.50 12.99
N ASN D 80 -9.33 -9.18 11.89
CA ASN D 80 -8.41 -10.10 11.23
C ASN D 80 -7.15 -9.39 10.75
N ILE D 81 -7.32 -8.22 10.14
CA ILE D 81 -6.20 -7.43 9.66
C ILE D 81 -5.34 -6.95 10.82
N ALA D 82 -6.02 -6.50 11.89
CA ALA D 82 -5.35 -6.01 13.09
C ALA D 82 -4.57 -7.10 13.84
N SER D 83 -4.74 -8.35 13.44
CA SER D 83 -4.01 -9.46 14.08
C SER D 83 -2.68 -9.78 13.41
N GLY D 84 -2.33 -8.99 12.38
CA GLY D 84 -1.05 -9.12 11.70
C GLY D 84 0.03 -8.31 12.40
N GLY D 85 0.98 -7.78 11.62
CA GLY D 85 2.07 -6.97 12.19
C GLY D 85 1.66 -5.51 12.38
N ASN D 86 2.63 -4.70 12.80
CA ASN D 86 2.39 -3.27 13.08
C ASN D 86 1.92 -2.46 11.88
N GLU D 87 2.44 -2.81 10.70
CA GLU D 87 2.03 -2.16 9.45
C GLU D 87 0.53 -2.30 9.17
N GLN D 88 -0.02 -3.48 9.47
CA GLN D 88 -1.43 -3.75 9.20
C GLN D 88 -2.32 -3.16 10.28
N ILE D 89 -1.83 -3.15 11.52
CA ILE D 89 -2.51 -2.52 12.64
C ILE D 89 -2.67 -1.01 12.39
N GLN D 90 -1.58 -0.38 11.96
CA GLN D 90 -1.56 1.06 11.70
C GLN D 90 -2.59 1.47 10.66
N ALA D 91 -2.71 0.69 9.58
CA ALA D 91 -3.70 0.93 8.54
C ALA D 91 -5.13 0.97 9.08
N VAL D 92 -5.42 0.09 10.04
CA VAL D 92 -6.73 0.03 10.70
C VAL D 92 -7.01 1.30 11.52
N ILE D 93 -6.00 1.74 12.28
CA ILE D 93 -6.09 2.96 13.09
C ILE D 93 -6.23 4.18 12.17
N ASP D 94 -5.41 4.21 11.12
CA ASP D 94 -5.49 5.27 10.12
C ASP D 94 -6.87 5.35 9.49
N ALA D 95 -7.56 4.21 9.41
CA ALA D 95 -8.85 4.13 8.76
C ALA D 95 -9.96 4.71 9.64
N GLY D 96 -9.65 4.91 10.92
CA GLY D 96 -10.57 5.54 11.87
C GLY D 96 -11.32 4.57 12.77
N ALA D 97 -10.76 3.37 12.94
CA ALA D 97 -11.41 2.26 13.64
C ALA D 97 -11.65 2.46 15.13
N LEU D 98 -10.67 3.04 15.83
CA LEU D 98 -10.71 3.12 17.28
C LEU D 98 -11.94 3.82 17.84
N PRO D 99 -12.27 5.04 17.35
CA PRO D 99 -13.50 5.63 17.86
C PRO D 99 -14.73 4.71 17.71
N ALA D 100 -14.87 4.09 16.54
CA ALA D 100 -16.03 3.22 16.28
C ALA D 100 -16.01 1.97 17.15
N LEU D 101 -14.82 1.43 17.38
CA LEU D 101 -14.66 0.26 18.24
C LEU D 101 -14.95 0.56 19.71
N VAL D 102 -14.65 1.79 20.14
CA VAL D 102 -14.91 2.19 21.51
C VAL D 102 -16.40 2.40 21.74
N GLN D 103 -17.07 2.97 20.74
CA GLN D 103 -18.51 3.18 20.81
C GLN D 103 -19.24 1.83 20.84
N LEU D 104 -18.75 0.88 20.06
CA LEU D 104 -19.29 -0.47 20.04
C LEU D 104 -19.11 -1.18 21.38
N LEU D 105 -18.19 -0.66 22.21
CA LEU D 105 -17.95 -1.21 23.54
C LEU D 105 -19.15 -1.13 24.48
N SER D 106 -20.05 -0.19 24.22
CA SER D 106 -21.29 -0.09 24.99
C SER D 106 -22.51 -0.36 24.10
N SER D 107 -22.57 -1.58 23.55
CA SER D 107 -23.71 -2.01 22.75
C SER D 107 -24.47 -3.13 23.44
N PRO D 108 -25.82 -3.11 23.34
CA PRO D 108 -26.68 -4.16 23.89
C PRO D 108 -26.21 -5.57 23.49
N ASN D 109 -25.99 -5.78 22.19
CA ASN D 109 -25.60 -7.08 21.64
C ASN D 109 -24.29 -7.61 22.21
N GLU D 110 -24.34 -8.81 22.80
CA GLU D 110 -23.21 -9.39 23.52
C GLU D 110 -22.05 -9.86 22.65
N GLN D 111 -22.34 -10.49 21.51
CA GLN D 111 -21.28 -10.99 20.63
C GLN D 111 -20.54 -9.84 19.94
N ILE D 112 -21.30 -8.81 19.55
CA ILE D 112 -20.75 -7.58 18.97
C ILE D 112 -19.75 -6.95 19.94
N LEU D 113 -20.16 -6.84 21.21
CA LEU D 113 -19.29 -6.34 22.27
C LEU D 113 -18.02 -7.16 22.39
N GLN D 114 -18.17 -8.49 22.34
CA GLN D 114 -17.04 -9.41 22.44
C GLN D 114 -16.06 -9.25 21.28
N GLU D 115 -16.57 -9.20 20.05
CA GLU D 115 -15.76 -8.98 18.87
C GLU D 115 -15.06 -7.62 18.90
N ALA D 116 -15.77 -6.62 19.42
CA ALA D 116 -15.21 -5.29 19.61
C ALA D 116 -13.99 -5.34 20.53
N LEU D 117 -14.09 -6.14 21.60
CA LEU D 117 -13.00 -6.28 22.56
C LEU D 117 -11.83 -7.07 21.98
N TRP D 118 -12.15 -8.10 21.20
CA TRP D 118 -11.16 -8.90 20.48
C TRP D 118 -10.36 -8.00 19.55
N ALA D 119 -11.08 -7.14 18.81
CA ALA D 119 -10.45 -6.21 17.88
C ALA D 119 -9.48 -5.28 18.59
N LEU D 120 -9.92 -4.68 19.70
CA LEU D 120 -9.09 -3.76 20.48
C LEU D 120 -7.86 -4.43 21.07
N SER D 121 -8.01 -5.69 21.48
CA SER D 121 -6.88 -6.51 21.91
C SER D 121 -5.83 -6.63 20.81
N ASN D 122 -6.27 -6.99 19.60
CA ASN D 122 -5.38 -7.15 18.44
C ASN D 122 -4.59 -5.88 18.17
N ILE D 123 -5.26 -4.73 18.20
CA ILE D 123 -4.62 -3.44 17.99
C ILE D 123 -3.60 -3.11 19.11
N ALA D 124 -3.94 -3.46 20.35
CA ALA D 124 -3.06 -3.17 21.49
C ALA D 124 -1.91 -4.16 21.65
N SER D 125 -1.78 -5.10 20.73
CA SER D 125 -0.65 -6.02 20.74
C SER D 125 0.49 -5.54 19.84
N GLY D 126 0.35 -4.31 19.33
CA GLY D 126 1.40 -3.67 18.54
C GLY D 126 2.29 -2.76 19.38
N GLY D 127 2.91 -1.77 18.73
CA GLY D 127 3.86 -0.86 19.38
C GLY D 127 3.24 0.14 20.33
N ASN D 128 4.07 0.99 20.93
CA ASN D 128 3.60 1.89 21.99
C ASN D 128 2.67 3.03 21.50
N GLU D 129 2.99 3.58 20.34
CA GLU D 129 2.16 4.62 19.71
C GLU D 129 0.80 4.08 19.32
N GLN D 130 0.76 2.81 18.96
CA GLN D 130 -0.47 2.11 18.64
C GLN D 130 -1.33 1.90 19.88
N ILE D 131 -0.71 1.43 20.96
CA ILE D 131 -1.40 1.26 22.23
C ILE D 131 -1.90 2.61 22.75
N GLN D 132 -1.07 3.65 22.60
CA GLN D 132 -1.44 5.02 22.97
C GLN D 132 -2.67 5.53 22.19
N ALA D 133 -2.81 5.11 20.94
CA ALA D 133 -3.97 5.48 20.12
C ALA D 133 -5.27 4.89 20.70
N VAL D 134 -5.20 3.63 21.14
CA VAL D 134 -6.29 2.99 21.87
C VAL D 134 -6.68 3.80 23.12
N ILE D 135 -5.67 4.23 23.88
CA ILE D 135 -5.90 5.01 25.10
C ILE D 135 -6.49 6.38 24.79
N ASP D 136 -5.95 7.06 23.78
CA ASP D 136 -6.43 8.38 23.38
C ASP D 136 -7.87 8.31 22.84
N ALA D 137 -8.22 7.20 22.21
CA ALA D 137 -9.58 6.97 21.73
C ALA D 137 -10.60 6.83 22.88
N GLY D 138 -10.09 6.63 24.10
CA GLY D 138 -10.93 6.56 25.31
C GLY D 138 -11.34 5.16 25.76
N ALA D 139 -10.54 4.17 25.41
CA ALA D 139 -10.88 2.77 25.66
C ALA D 139 -10.92 2.38 27.14
N LEU D 140 -10.01 2.95 27.94
CA LEU D 140 -9.78 2.52 29.32
C LEU D 140 -10.97 2.68 30.26
N PRO D 141 -11.62 3.86 30.29
CA PRO D 141 -12.79 3.98 31.17
C PRO D 141 -13.78 2.82 30.98
N ALA D 142 -14.16 2.56 29.73
CA ALA D 142 -15.07 1.47 29.40
C ALA D 142 -14.50 0.10 29.77
N LEU D 143 -13.22 -0.11 29.47
CA LEU D 143 -12.56 -1.39 29.74
C LEU D 143 -12.60 -1.81 31.20
N VAL D 144 -12.25 -0.88 32.10
CA VAL D 144 -12.24 -1.17 33.54
C VAL D 144 -13.68 -1.43 34.05
N GLN D 145 -14.62 -0.63 33.55
CA GLN D 145 -16.03 -0.80 33.91
C GLN D 145 -16.54 -2.20 33.56
N LEU D 146 -15.86 -2.86 32.62
CA LEU D 146 -16.23 -4.20 32.19
C LEU D 146 -15.50 -5.31 32.95
N LEU D 147 -14.65 -4.93 33.90
CA LEU D 147 -13.90 -5.89 34.69
C LEU D 147 -14.76 -6.67 35.69
N SER D 148 -15.99 -6.21 35.90
CA SER D 148 -16.95 -6.91 36.75
C SER D 148 -18.23 -7.26 35.97
N SER D 149 -18.05 -7.68 34.72
CA SER D 149 -19.17 -8.15 33.90
C SER D 149 -19.71 -9.46 34.45
N PRO D 150 -21.05 -9.53 34.67
CA PRO D 150 -21.69 -10.79 35.09
C PRO D 150 -21.47 -11.90 34.08
N ASN D 151 -21.21 -11.51 32.83
CA ASN D 151 -20.80 -12.42 31.77
C ASN D 151 -19.28 -12.62 31.82
N GLU D 152 -18.85 -13.88 31.97
CA GLU D 152 -17.44 -14.22 32.15
C GLU D 152 -16.65 -14.34 30.83
N GLN D 153 -17.37 -14.62 29.74
CA GLN D 153 -16.78 -14.55 28.39
C GLN D 153 -16.37 -13.11 28.08
N ILE D 154 -17.21 -12.15 28.48
CA ILE D 154 -16.96 -10.73 28.26
C ILE D 154 -15.87 -10.23 29.22
N LEU D 155 -15.80 -10.82 30.41
CA LEU D 155 -14.77 -10.48 31.39
C LEU D 155 -13.38 -10.86 30.90
N GLN D 156 -13.26 -12.06 30.33
CA GLN D 156 -11.95 -12.60 29.91
C GLN D 156 -11.37 -11.88 28.67
N GLU D 157 -12.25 -11.37 27.80
CA GLU D 157 -11.83 -10.61 26.63
C GLU D 157 -11.36 -9.21 27.03
N ALA D 158 -12.08 -8.61 27.97
CA ALA D 158 -11.73 -7.30 28.52
C ALA D 158 -10.41 -7.34 29.30
N LEU D 159 -10.16 -8.46 29.97
CA LEU D 159 -8.90 -8.71 30.66
C LEU D 159 -7.73 -8.74 29.69
N TRP D 160 -7.91 -9.49 28.59
CA TRP D 160 -6.91 -9.63 27.55
C TRP D 160 -6.49 -8.27 27.04
N ALA D 161 -7.48 -7.44 26.71
CA ALA D 161 -7.26 -6.09 26.20
C ALA D 161 -6.40 -5.25 27.15
N LEU D 162 -6.70 -5.31 28.45
CA LEU D 162 -5.95 -4.54 29.44
C LEU D 162 -4.52 -5.04 29.63
N SER D 163 -4.33 -6.35 29.53
CA SER D 163 -2.98 -6.94 29.58
C SER D 163 -2.12 -6.41 28.43
N ASN D 164 -2.70 -6.41 27.22
CA ASN D 164 -2.02 -5.92 26.03
C ASN D 164 -1.61 -4.45 26.16
N ILE D 165 -2.56 -3.60 26.56
CA ILE D 165 -2.29 -2.18 26.83
C ILE D 165 -1.22 -2.02 27.91
N ALA D 166 -1.33 -2.81 28.98
CA ALA D 166 -0.35 -2.78 30.07
C ALA D 166 1.00 -3.40 29.70
N SER D 167 1.08 -4.01 28.52
CA SER D 167 2.34 -4.57 28.04
C SER D 167 3.14 -3.57 27.19
N GLY D 168 2.68 -2.33 27.15
CA GLY D 168 3.40 -1.26 26.48
C GLY D 168 4.49 -0.67 27.35
N GLY D 169 4.93 0.53 27.01
CA GLY D 169 5.92 1.25 27.80
C GLY D 169 5.30 1.81 29.06
N ASN D 170 6.14 2.46 29.87
CA ASN D 170 5.73 3.03 31.15
C ASN D 170 4.58 4.05 31.06
N GLU D 171 4.57 4.84 30.00
CA GLU D 171 3.51 5.83 29.76
C GLU D 171 2.13 5.16 29.66
N GLN D 172 2.06 4.02 28.99
CA GLN D 172 0.78 3.33 28.82
C GLN D 172 0.39 2.49 30.03
N ILE D 173 1.40 1.97 30.75
CA ILE D 173 1.14 1.25 32.00
C ILE D 173 0.56 2.21 33.05
N GLN D 174 1.13 3.41 33.16
CA GLN D 174 0.64 4.42 34.08
C GLN D 174 -0.79 4.85 33.78
N ALA D 175 -1.15 4.88 32.50
CA ALA D 175 -2.51 5.21 32.07
C ALA D 175 -3.54 4.23 32.63
N VAL D 176 -3.20 2.93 32.59
CA VAL D 176 -4.05 1.87 33.15
C VAL D 176 -4.25 2.06 34.65
N ILE D 177 -3.16 2.38 35.35
CA ILE D 177 -3.20 2.70 36.79
C ILE D 177 -4.09 3.92 37.02
N ASP D 178 -3.86 4.97 36.23
CA ASP D 178 -4.61 6.23 36.33
C ASP D 178 -6.11 6.03 36.07
N ALA D 179 -6.46 5.00 35.29
CA ALA D 179 -7.86 4.70 34.99
C ALA D 179 -8.52 3.84 36.07
N GLY D 180 -7.81 3.58 37.15
CA GLY D 180 -8.34 2.85 38.31
C GLY D 180 -8.61 1.37 38.06
N ALA D 181 -7.65 0.69 37.44
CA ALA D 181 -7.81 -0.71 37.04
C ALA D 181 -7.23 -1.70 38.03
N LEU D 182 -6.40 -1.21 38.94
CA LEU D 182 -5.68 -2.07 39.89
C LEU D 182 -6.53 -2.77 40.96
N PRO D 183 -7.51 -2.06 41.57
CA PRO D 183 -8.32 -2.74 42.57
C PRO D 183 -9.05 -3.94 42.00
N ALA D 184 -9.74 -3.75 40.87
CA ALA D 184 -10.51 -4.81 40.22
C ALA D 184 -9.61 -5.93 39.69
N LEU D 185 -8.40 -5.57 39.30
CA LEU D 185 -7.41 -6.53 38.84
C LEU D 185 -6.97 -7.42 39.99
N VAL D 186 -6.86 -6.82 41.17
CA VAL D 186 -6.50 -7.52 42.41
C VAL D 186 -7.62 -8.46 42.88
N GLN D 187 -8.87 -8.00 42.81
CA GLN D 187 -10.03 -8.79 43.21
C GLN D 187 -10.28 -10.01 42.33
N LEU D 188 -9.70 -10.00 41.12
CA LEU D 188 -9.82 -11.13 40.19
C LEU D 188 -8.78 -12.21 40.44
N LEU D 189 -8.01 -12.06 41.52
CA LEU D 189 -7.09 -13.10 41.97
C LEU D 189 -7.84 -14.14 42.83
N SER D 190 -8.71 -13.64 43.72
CA SER D 190 -9.57 -14.50 44.52
C SER D 190 -10.89 -14.77 43.81
N SER D 191 -10.81 -15.48 42.68
CA SER D 191 -11.98 -15.81 41.86
C SER D 191 -11.91 -17.26 41.40
N PRO D 192 -13.08 -17.92 41.26
CA PRO D 192 -13.17 -19.37 40.98
C PRO D 192 -12.52 -19.84 39.67
N ASN D 193 -12.44 -18.94 38.68
CA ASN D 193 -11.97 -19.32 37.35
C ASN D 193 -10.44 -19.33 37.20
N GLU D 194 -9.88 -20.53 37.01
CA GLU D 194 -8.42 -20.72 36.93
C GLU D 194 -7.78 -20.12 35.67
N GLN D 195 -8.59 -19.91 34.63
CA GLN D 195 -8.10 -19.29 33.40
C GLN D 195 -8.11 -17.77 33.51
N ILE D 196 -9.11 -17.22 34.22
CA ILE D 196 -9.26 -15.77 34.42
C ILE D 196 -8.20 -15.18 35.36
N LEU D 197 -8.00 -15.80 36.53
CA LEU D 197 -7.02 -15.31 37.51
C LEU D 197 -5.60 -15.41 36.96
N GLN D 198 -5.39 -16.35 36.05
CA GLN D 198 -4.13 -16.51 35.33
C GLN D 198 -3.89 -15.32 34.39
N GLU D 199 -4.96 -14.86 33.75
CA GLU D 199 -4.90 -13.69 32.87
C GLU D 199 -4.74 -12.40 33.68
N ALA D 200 -5.33 -12.38 34.87
CA ALA D 200 -5.17 -11.27 35.81
C ALA D 200 -3.74 -11.22 36.36
N LEU D 201 -3.13 -12.40 36.55
CA LEU D 201 -1.73 -12.50 36.95
C LEU D 201 -0.79 -12.08 35.85
N TRP D 202 -1.10 -12.48 34.60
CA TRP D 202 -0.39 -12.02 33.42
C TRP D 202 -0.45 -10.49 33.37
N ALA D 203 -1.65 -9.94 33.58
CA ALA D 203 -1.87 -8.50 33.57
C ALA D 203 -1.04 -7.79 34.61
N LEU D 204 -1.12 -8.25 35.87
CA LEU D 204 -0.39 -7.62 36.97
C LEU D 204 1.11 -7.68 36.81
N SER D 205 1.62 -8.82 36.32
CA SER D 205 3.05 -8.98 36.06
C SER D 205 3.54 -7.98 35.01
N ASN D 206 2.70 -7.70 34.02
CA ASN D 206 3.01 -6.72 32.98
C ASN D 206 3.16 -5.29 33.52
N ILE D 207 2.33 -4.94 34.49
CA ILE D 207 2.47 -3.65 35.19
C ILE D 207 3.77 -3.64 36.00
N ALA D 208 4.08 -4.76 36.64
CA ALA D 208 5.30 -4.92 37.44
C ALA D 208 6.59 -4.90 36.60
N SER D 209 6.45 -4.74 35.29
CA SER D 209 7.59 -4.58 34.40
C SER D 209 7.93 -3.11 34.22
N GLY D 210 7.09 -2.23 34.78
CA GLY D 210 7.31 -0.79 34.71
C GLY D 210 8.30 -0.32 35.76
N GLY D 211 8.32 0.98 36.02
CA GLY D 211 9.23 1.56 37.00
C GLY D 211 8.73 1.41 38.43
N ASN D 212 9.44 2.03 39.36
CA ASN D 212 9.04 2.06 40.78
C ASN D 212 7.66 2.68 40.99
N GLU D 213 7.41 3.81 40.33
CA GLU D 213 6.13 4.51 40.41
C GLU D 213 4.97 3.57 40.07
N GLN D 214 5.20 2.67 39.10
CA GLN D 214 4.24 1.65 38.70
C GLN D 214 4.22 0.46 39.67
N LYS D 215 5.41 0.02 40.09
CA LYS D 215 5.58 -1.09 41.03
C LYS D 215 4.91 -0.84 42.38
N GLN D 216 4.99 0.40 42.87
CA GLN D 216 4.41 0.77 44.16
C GLN D 216 2.89 0.89 44.11
N ALA D 217 2.36 1.36 42.98
CA ALA D 217 0.92 1.53 42.79
C ALA D 217 0.20 0.19 42.96
N VAL D 218 0.84 -0.87 42.47
CA VAL D 218 0.34 -2.23 42.59
C VAL D 218 0.31 -2.67 44.04
N LYS D 219 1.35 -2.27 44.79
CA LYS D 219 1.48 -2.59 46.21
C LYS D 219 0.35 -1.96 47.05
N GLU D 220 0.04 -0.70 46.77
CA GLU D 220 -1.07 0.01 47.44
C GLU D 220 -2.44 -0.58 47.12
N ALA D 221 -2.51 -1.44 46.10
CA ALA D 221 -3.75 -2.10 45.71
C ALA D 221 -3.96 -3.42 46.46
N GLY D 222 -2.93 -3.88 47.17
CA GLY D 222 -3.01 -5.09 47.97
C GLY D 222 -2.64 -6.35 47.22
N ALA D 223 -1.66 -6.23 46.31
CA ALA D 223 -1.24 -7.33 45.47
C ALA D 223 -0.40 -8.35 46.23
N LEU D 224 0.63 -7.87 46.93
CA LEU D 224 1.56 -8.73 47.67
C LEU D 224 0.89 -9.69 48.65
N GLU D 225 -0.22 -9.25 49.26
CA GLU D 225 -1.00 -10.07 50.18
C GLU D 225 -1.57 -11.30 49.50
N LYS D 226 -2.23 -11.08 48.36
CA LYS D 226 -2.93 -12.14 47.64
C LYS D 226 -2.02 -12.91 46.68
N LEU D 227 -0.86 -12.33 46.36
CA LEU D 227 0.15 -12.99 45.53
C LEU D 227 0.82 -14.15 46.27
N GLU D 228 1.13 -13.94 47.56
CA GLU D 228 1.77 -14.97 48.38
C GLU D 228 0.79 -16.07 48.79
N GLN D 229 -0.48 -15.70 48.93
CA GLN D 229 -1.55 -16.65 49.24
C GLN D 229 -1.82 -17.60 48.08
N LEU D 230 -1.31 -17.25 46.90
CA LEU D 230 -1.46 -18.07 45.69
C LEU D 230 -0.48 -19.25 45.61
N GLN D 231 0.42 -19.36 46.59
CA GLN D 231 1.30 -20.52 46.71
C GLN D 231 0.61 -21.71 47.38
N SER D 232 -0.62 -21.48 47.84
CA SER D 232 -1.44 -22.53 48.46
C SER D 232 -2.52 -23.03 47.50
N HIS D 233 -2.31 -22.79 46.20
CA HIS D 233 -3.29 -23.14 45.17
C HIS D 233 -3.19 -24.61 44.77
N GLU D 234 -4.30 -25.15 44.26
CA GLU D 234 -4.36 -26.53 43.79
C GLU D 234 -3.53 -26.74 42.53
N ASN D 235 -3.63 -25.77 41.61
CA ASN D 235 -2.92 -25.83 40.33
C ASN D 235 -1.43 -25.55 40.48
N GLU D 236 -0.61 -26.37 39.81
CA GLU D 236 0.84 -26.25 39.86
C GLU D 236 1.36 -25.08 39.02
N LYS D 237 0.68 -24.79 37.90
CA LYS D 237 1.15 -23.78 36.96
C LYS D 237 0.90 -22.34 37.43
N ILE D 238 -0.15 -22.14 38.22
CA ILE D 238 -0.45 -20.83 38.80
C ILE D 238 0.59 -20.49 39.86
N GLN D 239 1.06 -21.51 40.56
CA GLN D 239 2.07 -21.38 41.62
C GLN D 239 3.39 -20.83 41.08
N LYS D 240 3.68 -21.11 39.81
CA LYS D 240 4.86 -20.57 39.14
C LYS D 240 4.69 -19.10 38.77
N GLU D 241 3.58 -18.77 38.12
CA GLU D 241 3.32 -17.41 37.62
C GLU D 241 3.15 -16.37 38.73
N ALA D 242 2.59 -16.79 39.86
CA ALA D 242 2.44 -15.92 41.01
C ALA D 242 3.80 -15.53 41.58
N GLN D 243 4.73 -16.49 41.58
CA GLN D 243 6.11 -16.27 42.05
C GLN D 243 6.90 -15.41 41.06
N GLU D 244 6.83 -15.76 39.79
CA GLU D 244 7.51 -15.03 38.71
C GLU D 244 7.11 -13.55 38.70
N ALA D 245 5.95 -13.26 39.27
CA ALA D 245 5.44 -11.89 39.38
C ALA D 245 5.72 -11.28 40.75
N LEU D 246 5.61 -12.09 41.79
CA LEU D 246 5.91 -11.66 43.17
C LEU D 246 7.38 -11.26 43.30
N GLU D 247 8.25 -12.01 42.62
CA GLU D 247 9.69 -11.77 42.64
C GLU D 247 10.08 -10.68 41.63
N LYS D 248 9.19 -10.43 40.67
CA LYS D 248 9.42 -9.41 39.64
C LYS D 248 9.41 -7.99 40.25
N LEU D 249 9.35 -7.93 41.57
CA LEU D 249 9.39 -6.66 42.30
C LEU D 249 10.67 -6.55 43.14
N GLN D 250 11.82 -6.75 42.48
CA GLN D 250 13.12 -6.73 43.13
C GLN D 250 13.56 -5.32 43.54
MG MG E . 15.49 12.19 34.71
MG MG F . -1.85 3.58 -33.51
MG MG G . 14.28 1.91 -6.11
MG MG H . 8.98 -15.22 -3.85
#